data_3A21
#
_entry.id   3A21
#
_cell.length_a   68.205
_cell.length_b   98.916
_cell.length_c   181.265
_cell.angle_alpha   90.00
_cell.angle_beta   90.00
_cell.angle_gamma   90.00
#
_symmetry.space_group_name_H-M   'P 21 21 21'
#
loop_
_entity.id
_entity.type
_entity.pdbx_description
1 polymer 'Putative secreted alpha-galactosidase'
2 non-polymer GLYCEROL
3 non-polymer 2-(2-{2-[2-(2-METHOXY-ETHOXY)-ETHOXY]-ETHOXY}-ETHOXY)-ETHANOL
4 non-polymer 'SULFATE ION'
5 non-polymer '4-(2-HYDROXYETHYL)-1-PIPERAZINE ETHANESULFONIC ACID'
6 water water
#
_entity_poly.entity_id   1
_entity_poly.type   'polypeptide(L)'
_entity_poly.pdbx_seq_one_letter_code
;AVTTRQITVPSAPMGWASWNSFAAKIDYSVIKKQVDAFVAAGLPAAGYTYINIDEGWWQGTRDSAGNITVDTAEWPGGMS
AITAYIHSKGLKAGIYTDAGKDGCGYYYPTGRPAAPGSGSEGHYDQDMLQFSTWGFDFVKVDWCGGDAEGLDAATTYKSI
SDAVGRAAATTGRPLTLSICNWGYQNPWNWAAGQAPLWRTSTDIIYYGNQPSMTSLLSNFDQTLHPTAQHTGYYNDPDML
MVGMDGFTAAQNRTHMNLWAISGAPLLAGNDLTTMTSETAGILKNPEVIAVDQDSRGLQGVKVAEDTTGLQAYGKVLSGT
GNRAVVLLNRTSAAHDITVRWSDLGLTNASATVRDLWARQNVGTSATGYTASVPAGGSVMLTVTGGTEAAGGAYAATSTG
RYTGVTAASTGLNVVDVAYTNNTSSARTATLQVNGQTATTVSFPPTGASAGTVSVEVSLSKGSANTLALSGGPATEGITV
RPLPGTNGALVTGKQSGRCADIYNNTITNGTQAELWDCNGGPNQSWTYTSRKELVLYGNKCLDAYNLGTTNGTKVVIWDC
NGQANQKWNINSDGTITNVNAGLCLDAYNAATANGTSLVLWSCGTGDNQKWTVT
;
_entity_poly.pdbx_strand_id   A,B
#
# COMPACT_ATOMS: atom_id res chain seq x y z
N ALA A 1 8.32 -17.49 44.71
CA ALA A 1 8.83 -16.49 45.69
C ALA A 1 9.98 -15.67 45.10
N VAL A 2 10.23 -14.50 45.68
CA VAL A 2 11.34 -13.64 45.29
C VAL A 2 12.56 -14.01 46.15
N THR A 3 13.59 -14.56 45.52
CA THR A 3 14.79 -15.02 46.27
C THR A 3 16.10 -14.34 45.85
N THR A 4 16.13 -13.76 44.65
CA THR A 4 17.24 -12.90 44.22
C THR A 4 16.67 -11.55 43.81
N ARG A 5 17.23 -10.47 44.36
CA ARG A 5 16.64 -9.16 44.12
C ARG A 5 16.85 -8.68 42.68
N GLN A 6 15.83 -7.98 42.17
CA GLN A 6 15.92 -7.35 40.87
C GLN A 6 16.65 -6.03 41.02
N ILE A 7 17.68 -5.86 40.19
CA ILE A 7 18.47 -4.64 40.19
C ILE A 7 17.82 -3.59 39.28
N THR A 8 17.64 -2.39 39.81
CA THR A 8 17.06 -1.30 39.04
C THR A 8 18.00 -0.86 37.93
N VAL A 9 17.46 -0.72 36.73
CA VAL A 9 18.22 -0.24 35.58
C VAL A 9 17.80 1.20 35.23
N PRO A 10 18.66 1.94 34.53
CA PRO A 10 18.32 3.35 34.22
C PRO A 10 17.04 3.46 33.39
N SER A 11 16.27 4.51 33.66
CA SER A 11 15.03 4.81 32.94
C SER A 11 15.31 5.66 31.72
N ALA A 12 14.31 5.75 30.83
CA ALA A 12 14.42 6.64 29.67
C ALA A 12 14.36 8.11 30.14
N PRO A 13 15.02 9.02 29.40
CA PRO A 13 14.97 10.43 29.77
C PRO A 13 13.56 11.01 29.83
N MET A 14 13.35 11.91 30.79
CA MET A 14 12.14 12.71 30.86
C MET A 14 12.54 14.17 30.82
N GLY A 15 11.78 14.99 30.10
CA GLY A 15 12.11 16.41 30.02
C GLY A 15 11.27 17.13 29.00
N TRP A 16 11.85 18.15 28.39
CA TRP A 16 11.19 18.95 27.36
C TRP A 16 12.24 19.26 26.28
N ALA A 17 11.80 19.28 25.02
CA ALA A 17 12.69 19.62 23.91
C ALA A 17 12.04 20.66 22.99
N SER A 18 12.89 21.50 22.40
CA SER A 18 12.42 22.71 21.72
C SER A 18 11.83 22.52 20.31
N TRP A 19 12.02 21.35 19.71
CA TRP A 19 11.72 21.20 18.28
C TRP A 19 10.24 21.27 17.88
N ASN A 20 9.39 20.49 18.53
CA ASN A 20 8.03 20.30 18.07
C ASN A 20 7.24 21.60 17.99
N SER A 21 7.48 22.52 18.93
CA SER A 21 6.72 23.77 18.97
C SER A 21 7.44 24.98 18.36
N PHE A 22 8.75 24.92 18.23
CA PHE A 22 9.50 26.09 17.78
C PHE A 22 10.30 25.91 16.50
N ALA A 23 10.47 24.65 16.08
CA ALA A 23 11.39 24.34 14.98
C ALA A 23 12.73 25.04 15.26
N ALA A 24 13.35 25.64 14.24
CA ALA A 24 14.65 26.29 14.44
C ALA A 24 14.58 27.69 15.05
N LYS A 25 13.37 28.18 15.31
CA LYS A 25 13.17 29.54 15.83
C LYS A 25 13.38 29.59 17.34
N ILE A 26 14.61 29.32 17.75
CA ILE A 26 14.99 29.31 19.16
C ILE A 26 16.14 30.27 19.45
N ASP A 27 16.13 30.80 20.67
CA ASP A 27 17.23 31.59 21.21
C ASP A 27 17.18 31.47 22.74
N TYR A 28 18.07 32.17 23.43
CA TYR A 28 18.11 32.15 24.88
C TYR A 28 16.75 32.46 25.48
N SER A 29 16.10 33.52 25.00
CA SER A 29 14.82 33.96 25.56
C SER A 29 13.74 32.91 25.46
N VAL A 30 13.69 32.20 24.33
CA VAL A 30 12.70 31.14 24.12
C VAL A 30 12.92 30.02 25.14
N ILE A 31 14.18 29.58 25.29
CA ILE A 31 14.49 28.48 26.20
C ILE A 31 14.20 28.89 27.64
N LYS A 32 14.59 30.10 28.02
CA LYS A 32 14.37 30.58 29.38
C LYS A 32 12.88 30.58 29.76
N LYS A 33 12.04 31.06 28.85
CA LYS A 33 10.60 31.12 29.10
C LYS A 33 10.02 29.72 29.28
N GLN A 34 10.53 28.78 28.50
CA GLN A 34 10.07 27.39 28.62
C GLN A 34 10.51 26.74 29.93
N VAL A 35 11.76 27.00 30.35
CA VAL A 35 12.27 26.55 31.64
C VAL A 35 11.41 27.08 32.76
N ASP A 36 11.09 28.37 32.70
CA ASP A 36 10.29 28.99 33.76
C ASP A 36 8.89 28.37 33.86
N ALA A 37 8.28 28.08 32.71
CA ALA A 37 6.96 27.45 32.70
C ALA A 37 6.99 25.98 33.13
N PHE A 38 8.04 25.27 32.72
CA PHE A 38 8.35 23.89 33.13
C PHE A 38 8.37 23.81 34.65
N VAL A 39 9.11 24.74 35.27
CA VAL A 39 9.22 24.82 36.73
C VAL A 39 7.88 25.20 37.39
N ALA A 40 7.22 26.22 36.85
CA ALA A 40 5.97 26.71 37.44
C ALA A 40 4.86 25.66 37.42
N ALA A 41 4.89 24.79 36.40
CA ALA A 41 3.89 23.75 36.22
C ALA A 41 4.16 22.50 37.06
N GLY A 42 5.27 22.51 37.79
CA GLY A 42 5.63 21.40 38.67
C GLY A 42 6.13 20.16 37.97
N LEU A 43 6.62 20.32 36.74
CA LEU A 43 7.19 19.18 36.01
C LEU A 43 8.40 18.54 36.70
N PRO A 44 9.29 19.35 37.32
CA PRO A 44 10.45 18.69 37.97
C PRO A 44 10.08 17.63 39.02
N ALA A 45 9.08 17.92 39.87
CA ALA A 45 8.69 16.99 40.93
C ALA A 45 8.10 15.69 40.37
N ALA A 46 7.57 15.75 39.15
CA ALA A 46 7.01 14.57 38.50
C ALA A 46 8.10 13.71 37.86
N GLY A 47 9.30 14.27 37.75
CA GLY A 47 10.44 13.51 37.23
C GLY A 47 11.04 14.07 35.95
N TYR A 48 10.41 15.11 35.39
CA TYR A 48 10.94 15.75 34.18
C TYR A 48 12.23 16.50 34.52
N THR A 49 13.31 16.20 33.80
CA THR A 49 14.65 16.66 34.20
C THR A 49 15.41 17.42 33.11
N TYR A 50 15.27 16.98 31.87
CA TYR A 50 16.06 17.55 30.78
C TYR A 50 15.36 18.72 30.10
N ILE A 51 16.14 19.77 29.83
CA ILE A 51 15.72 20.86 28.96
C ILE A 51 16.63 20.79 27.75
N ASN A 52 16.07 20.32 26.63
CA ASN A 52 16.88 20.03 25.45
C ASN A 52 16.70 21.05 24.33
N ILE A 53 17.80 21.70 24.00
CA ILE A 53 17.88 22.66 22.92
C ILE A 53 18.16 21.89 21.65
N ASP A 54 17.19 21.90 20.74
CA ASP A 54 17.25 21.13 19.50
C ASP A 54 17.84 21.99 18.39
N GLU A 55 17.50 21.69 17.14
CA GLU A 55 18.04 22.40 15.98
C GLU A 55 17.74 23.89 16.03
N GLY A 56 18.74 24.70 15.67
CA GLY A 56 18.52 26.12 15.48
C GLY A 56 19.43 27.03 16.29
N TRP A 57 20.18 26.45 17.23
CA TRP A 57 21.08 27.22 18.09
C TRP A 57 22.41 27.57 17.42
N TRP A 58 22.80 26.81 16.40
CA TRP A 58 24.13 26.91 15.79
C TRP A 58 24.01 26.98 14.27
N GLN A 59 24.62 28.00 13.67
CA GLN A 59 24.50 28.19 12.23
C GLN A 59 25.70 27.65 11.44
N GLY A 60 26.54 26.84 12.08
CA GLY A 60 27.62 26.12 11.40
C GLY A 60 28.98 26.78 11.45
N THR A 61 29.06 27.93 12.12
CA THR A 61 30.30 28.68 12.27
C THR A 61 31.28 28.04 13.25
N ARG A 62 32.57 28.15 12.93
CA ARG A 62 33.66 27.71 13.79
C ARG A 62 34.76 28.76 13.73
N ASP A 63 35.54 28.86 14.81
CA ASP A 63 36.74 29.72 14.79
C ASP A 63 37.89 29.00 14.05
N SER A 64 39.05 29.66 13.96
CA SER A 64 40.18 29.11 13.21
C SER A 64 40.74 27.80 13.78
N ALA A 65 40.50 27.56 15.06
CA ALA A 65 40.93 26.34 15.74
C ALA A 65 39.86 25.23 15.69
N GLY A 66 38.77 25.52 14.99
CA GLY A 66 37.68 24.56 14.81
C GLY A 66 36.65 24.51 15.92
N ASN A 67 36.74 25.44 16.88
CA ASN A 67 35.75 25.51 17.95
C ASN A 67 34.43 26.09 17.45
N ILE A 68 33.33 25.44 17.82
CA ILE A 68 31.99 25.96 17.51
C ILE A 68 31.83 27.37 18.09
N THR A 69 31.34 28.28 17.26
CA THR A 69 31.02 29.63 17.69
C THR A 69 29.54 29.88 17.50
N VAL A 70 28.95 30.62 18.44
CA VAL A 70 27.53 30.96 18.34
C VAL A 70 27.33 32.47 18.21
N ASP A 71 26.14 32.84 17.76
CA ASP A 71 25.74 34.24 17.66
C ASP A 71 25.23 34.68 19.03
N THR A 72 26.02 35.52 19.72
CA THR A 72 25.64 35.92 21.07
C THR A 72 24.48 36.93 21.12
N ALA A 73 24.08 37.46 19.97
CA ALA A 73 22.83 38.24 19.92
C ALA A 73 21.65 37.34 20.26
N GLU A 74 21.74 36.07 19.85
CA GLU A 74 20.70 35.08 20.16
C GLU A 74 21.01 34.31 21.44
N TRP A 75 22.31 34.18 21.74
CA TRP A 75 22.77 33.44 22.92
C TRP A 75 23.72 34.30 23.76
N PRO A 76 23.16 35.31 24.46
CA PRO A 76 24.03 36.19 25.25
C PRO A 76 24.79 35.41 26.31
N GLY A 77 26.09 35.68 26.42
CA GLY A 77 26.98 34.95 27.31
C GLY A 77 27.45 33.61 26.77
N GLY A 78 27.01 33.27 25.56
CA GLY A 78 27.36 31.99 24.96
C GLY A 78 26.55 30.86 25.55
N MET A 79 26.83 29.63 25.10
CA MET A 79 26.02 28.48 25.49
C MET A 79 26.12 28.12 26.96
N SER A 80 27.22 28.49 27.62
CA SER A 80 27.34 28.21 29.06
C SER A 80 26.37 29.03 29.92
N ALA A 81 25.86 30.14 29.38
CA ALA A 81 24.86 30.94 30.10
C ALA A 81 23.52 30.23 30.17
N ILE A 82 23.11 29.58 29.09
CA ILE A 82 21.84 28.84 29.12
C ILE A 82 21.92 27.55 29.93
N THR A 83 23.06 26.84 29.87
CA THR A 83 23.22 25.68 30.76
C THR A 83 23.24 26.11 32.23
N ALA A 84 23.86 27.25 32.52
CA ALA A 84 23.88 27.76 33.89
C ALA A 84 22.45 28.03 34.39
N TYR A 85 21.62 28.61 33.53
CA TYR A 85 20.25 28.91 33.90
C TYR A 85 19.46 27.63 34.17
N ILE A 86 19.58 26.68 33.24
CA ILE A 86 18.92 25.39 33.38
C ILE A 86 19.36 24.69 34.67
N HIS A 87 20.67 24.67 34.92
CA HIS A 87 21.20 24.06 36.14
C HIS A 87 20.77 24.76 37.41
N SER A 88 20.55 26.08 37.32
CA SER A 88 20.12 26.85 38.49
C SER A 88 18.74 26.43 38.97
N LYS A 89 18.00 25.72 38.11
CA LYS A 89 16.68 25.19 38.46
C LYS A 89 16.74 23.71 38.85
N GLY A 90 17.95 23.19 38.98
CA GLY A 90 18.16 21.79 39.35
C GLY A 90 17.88 20.81 38.22
N LEU A 91 17.94 21.33 37.00
CA LEU A 91 17.62 20.54 35.80
C LEU A 91 18.86 20.24 34.98
N LYS A 92 18.71 19.35 34.01
CA LYS A 92 19.79 18.99 33.09
C LYS A 92 19.59 19.68 31.74
N ALA A 93 20.69 20.00 31.07
CA ALA A 93 20.66 20.71 29.80
C ALA A 93 21.05 19.82 28.63
N GLY A 94 20.31 19.94 27.53
CA GLY A 94 20.60 19.19 26.30
C GLY A 94 20.94 20.05 25.11
N ILE A 95 21.80 19.51 24.24
CA ILE A 95 22.22 20.21 23.03
C ILE A 95 22.07 19.25 21.82
N TYR A 96 22.45 19.73 20.64
CA TYR A 96 22.05 19.07 19.40
C TYR A 96 23.10 19.32 18.32
N THR A 97 23.47 18.25 17.62
CA THR A 97 24.38 18.36 16.48
C THR A 97 24.06 17.28 15.45
N ASP A 98 24.90 17.16 14.42
CA ASP A 98 24.75 16.13 13.39
C ASP A 98 25.98 15.25 13.33
N ALA A 99 25.78 14.00 12.89
CA ALA A 99 26.86 13.07 12.65
C ALA A 99 27.72 13.46 11.46
N GLY A 100 27.12 14.18 10.50
CA GLY A 100 27.81 14.56 9.26
C GLY A 100 28.51 15.90 9.35
N LYS A 101 28.98 16.40 8.21
CA LYS A 101 29.69 17.69 8.15
C LYS A 101 28.73 18.88 8.22
N ASP A 102 27.46 18.63 7.87
CA ASP A 102 26.43 19.66 7.86
C ASP A 102 25.17 19.06 8.43
N GLY A 103 24.36 19.88 9.09
CA GLY A 103 23.22 19.36 9.83
C GLY A 103 21.90 19.52 9.11
N CYS A 104 20.84 19.17 9.83
CA CYS A 104 19.49 19.33 9.30
C CYS A 104 19.15 20.79 9.04
N GLY A 105 19.80 21.70 9.77
CA GLY A 105 19.67 23.14 9.51
C GLY A 105 20.25 23.58 8.18
N TYR A 106 21.10 22.72 7.59
CA TYR A 106 21.58 22.93 6.24
C TYR A 106 20.67 22.23 5.23
N TYR A 107 20.47 20.92 5.42
CA TYR A 107 19.77 20.12 4.40
C TYR A 107 18.28 20.41 4.31
N TYR A 108 17.66 20.72 5.44
CA TYR A 108 16.21 20.95 5.49
C TYR A 108 15.88 22.19 6.33
N PRO A 109 16.23 23.39 5.83
CA PRO A 109 15.98 24.60 6.61
C PRO A 109 14.51 24.75 6.97
N THR A 110 14.23 24.91 8.26
CA THR A 110 12.87 24.95 8.79
C THR A 110 12.76 26.06 9.83
N GLY A 111 12.49 27.27 9.35
CA GLY A 111 12.35 28.45 10.21
C GLY A 111 13.56 29.38 10.20
N ARG A 112 14.62 28.94 9.50
CA ARG A 112 15.88 29.68 9.40
C ARG A 112 16.53 29.41 8.06
N PRO A 113 17.37 30.36 7.57
CA PRO A 113 18.18 30.09 6.37
C PRO A 113 19.12 28.91 6.60
N ALA A 114 19.54 28.28 5.50
CA ALA A 114 20.47 27.15 5.56
C ALA A 114 21.70 27.47 6.38
N ALA A 115 22.17 26.47 7.13
CA ALA A 115 23.32 26.62 8.03
C ALA A 115 24.44 25.67 7.63
N PRO A 116 25.25 26.05 6.62
CA PRO A 116 26.34 25.16 6.23
C PRO A 116 27.35 24.98 7.36
N GLY A 117 27.87 23.76 7.50
CA GLY A 117 28.88 23.46 8.51
C GLY A 117 28.32 23.00 9.85
N SER A 118 27.00 22.87 9.93
CA SER A 118 26.32 22.59 11.21
C SER A 118 26.32 21.09 11.57
N GLY A 119 27.46 20.45 11.46
CA GLY A 119 27.64 19.06 11.85
C GLY A 119 28.98 18.86 12.53
N SER A 120 29.12 17.73 13.22
CA SER A 120 30.32 17.47 14.02
C SER A 120 31.33 16.52 13.41
N GLU A 121 31.05 16.00 12.22
CA GLU A 121 32.02 15.13 11.53
C GLU A 121 33.39 15.81 11.44
N GLY A 122 34.44 15.05 11.76
CA GLY A 122 35.81 15.56 11.82
C GLY A 122 36.11 16.31 13.10
N HIS A 123 35.10 16.43 13.96
CA HIS A 123 35.22 17.16 15.22
C HIS A 123 34.50 16.46 16.37
N TYR A 124 34.35 15.13 16.31
CA TYR A 124 33.58 14.45 17.36
C TYR A 124 34.11 14.69 18.76
N ASP A 125 35.41 14.47 18.95
CA ASP A 125 36.00 14.69 20.26
C ASP A 125 36.00 16.17 20.67
N GLN A 126 36.36 17.04 19.74
CA GLN A 126 36.36 18.48 19.98
C GLN A 126 34.97 18.98 20.39
N ASP A 127 33.96 18.62 19.61
CA ASP A 127 32.60 19.08 19.87
C ASP A 127 31.98 18.47 21.14
N MET A 128 32.16 17.17 21.35
CA MET A 128 31.62 16.55 22.56
C MET A 128 32.25 17.14 23.81
N LEU A 129 33.57 17.36 23.76
CA LEU A 129 34.25 18.04 24.86
C LEU A 129 33.69 19.44 25.07
N GLN A 130 33.47 20.16 23.96
CA GLN A 130 32.93 21.50 24.02
C GLN A 130 31.55 21.51 24.68
N PHE A 131 30.70 20.56 24.29
CA PHE A 131 29.35 20.50 24.84
C PHE A 131 29.42 20.24 26.33
N SER A 132 30.26 19.29 26.72
CA SER A 132 30.39 18.94 28.12
C SER A 132 30.97 20.10 28.95
N THR A 133 31.98 20.77 28.40
CA THR A 133 32.60 21.93 29.07
C THR A 133 31.62 23.08 29.24
N TRP A 134 30.75 23.30 28.26
CA TRP A 134 29.70 24.30 28.36
C TRP A 134 28.69 23.95 29.46
N GLY A 135 28.65 22.68 29.85
CA GLY A 135 27.73 22.23 30.89
C GLY A 135 26.58 21.34 30.44
N PHE A 136 26.59 20.91 29.18
CA PHE A 136 25.51 20.05 28.70
C PHE A 136 25.58 18.64 29.25
N ASP A 137 24.40 18.11 29.57
CA ASP A 137 24.20 16.81 30.19
C ASP A 137 23.64 15.78 29.20
N PHE A 138 23.29 16.25 28.00
CA PHE A 138 22.54 15.47 27.02
C PHE A 138 22.92 16.00 25.65
N VAL A 139 23.08 15.10 24.67
CA VAL A 139 23.32 15.51 23.29
C VAL A 139 22.55 14.61 22.34
N LYS A 140 21.77 15.24 21.46
CA LYS A 140 21.02 14.57 20.40
C LYS A 140 21.84 14.70 19.14
N VAL A 141 22.18 13.58 18.52
CA VAL A 141 23.02 13.59 17.32
C VAL A 141 22.24 13.08 16.12
N ASP A 142 21.92 14.02 15.23
CA ASP A 142 21.05 13.78 14.09
C ASP A 142 21.84 13.19 12.91
N TRP A 143 21.13 12.94 11.82
CA TRP A 143 21.64 12.10 10.74
C TRP A 143 21.53 12.74 9.37
N CYS A 144 21.18 14.02 9.30
CA CYS A 144 20.99 14.64 7.98
C CYS A 144 22.26 14.59 7.14
N GLY A 145 23.39 14.89 7.76
CA GLY A 145 24.68 14.80 7.06
C GLY A 145 25.12 13.38 6.81
N GLY A 146 24.82 12.47 7.75
CA GLY A 146 25.13 11.06 7.56
C GLY A 146 24.38 10.48 6.37
N ASP A 147 23.09 10.78 6.29
CA ASP A 147 22.25 10.34 5.17
C ASP A 147 22.72 10.93 3.84
N ALA A 148 22.99 12.23 3.84
CA ALA A 148 23.43 12.93 2.63
C ALA A 148 24.74 12.37 2.11
N GLU A 149 25.66 12.08 3.04
CA GLU A 149 27.01 11.68 2.66
C GLU A 149 27.14 10.19 2.35
N GLY A 150 26.17 9.40 2.79
CA GLY A 150 26.24 7.95 2.60
C GLY A 150 27.01 7.20 3.69
N LEU A 151 27.05 7.78 4.89
CA LEU A 151 27.75 7.14 6.02
C LEU A 151 27.05 5.88 6.52
N ASP A 152 27.85 4.98 7.09
CA ASP A 152 27.35 3.81 7.79
C ASP A 152 26.97 4.22 9.20
N ALA A 153 25.70 4.00 9.56
CA ALA A 153 25.19 4.47 10.85
C ALA A 153 25.81 3.75 12.06
N ALA A 154 25.89 2.42 12.01
CA ALA A 154 26.40 1.68 13.15
C ALA A 154 27.83 2.07 13.53
N THR A 155 28.73 2.14 12.55
CA THR A 155 30.11 2.50 12.86
C THR A 155 30.26 3.97 13.18
N THR A 156 29.46 4.81 12.55
CA THR A 156 29.53 6.25 12.79
C THR A 156 29.07 6.58 14.21
N TYR A 157 27.95 6.01 14.63
CA TYR A 157 27.49 6.25 15.98
C TYR A 157 28.33 5.58 17.06
N LYS A 158 29.03 4.50 16.71
CA LYS A 158 30.03 3.94 17.62
C LYS A 158 31.14 4.97 17.88
N SER A 159 31.62 5.60 16.81
CA SER A 159 32.64 6.64 16.94
C SER A 159 32.15 7.80 17.81
N ILE A 160 30.91 8.22 17.58
CA ILE A 160 30.29 9.29 18.34
C ILE A 160 30.16 8.90 19.82
N SER A 161 29.67 7.67 20.06
CA SER A 161 29.55 7.13 21.40
C SER A 161 30.88 7.15 22.15
N ASP A 162 31.95 6.75 21.47
CA ASP A 162 33.27 6.76 22.09
C ASP A 162 33.70 8.18 22.48
N ALA A 163 33.44 9.13 21.59
CA ALA A 163 33.75 10.54 21.85
C ALA A 163 32.93 11.11 23.01
N VAL A 164 31.66 10.72 23.08
CA VAL A 164 30.79 11.09 24.20
C VAL A 164 31.36 10.58 25.52
N GLY A 165 31.80 9.32 25.55
CA GLY A 165 32.39 8.73 26.74
C GLY A 165 33.65 9.45 27.20
N ARG A 166 34.50 9.80 26.25
CA ARG A 166 35.75 10.51 26.55
C ARG A 166 35.49 11.90 27.10
N ALA A 167 34.53 12.60 26.50
CA ALA A 167 34.17 13.95 26.94
C ALA A 167 33.67 13.94 28.39
N ALA A 168 32.73 13.04 28.68
CA ALA A 168 32.19 12.89 30.03
C ALA A 168 33.26 12.51 31.05
N ALA A 169 34.19 11.66 30.64
CA ALA A 169 35.29 11.24 31.52
C ALA A 169 36.23 12.40 31.81
N THR A 170 36.45 13.25 30.81
CA THR A 170 37.35 14.40 30.94
C THR A 170 36.82 15.47 31.90
N THR A 171 35.52 15.79 31.78
CA THR A 171 34.90 16.86 32.56
C THR A 171 34.33 16.38 33.89
N GLY A 172 33.98 15.09 33.95
CA GLY A 172 33.30 14.53 35.11
C GLY A 172 31.79 14.71 35.08
N ARG A 173 31.27 15.27 33.98
CA ARG A 173 29.83 15.47 33.80
C ARG A 173 29.27 14.42 32.84
N PRO A 174 28.40 13.52 33.35
CA PRO A 174 27.82 12.51 32.46
C PRO A 174 27.13 13.13 31.26
N LEU A 175 27.22 12.42 30.13
CA LEU A 175 26.64 12.92 28.88
C LEU A 175 25.75 11.86 28.25
N THR A 176 24.45 12.15 28.26
CA THR A 176 23.44 11.25 27.73
C THR A 176 23.33 11.44 26.23
N LEU A 177 23.62 10.37 25.47
CA LEU A 177 23.57 10.41 24.02
C LEU A 177 22.23 9.92 23.50
N SER A 178 21.58 10.76 22.70
CA SER A 178 20.39 10.38 21.96
C SER A 178 20.78 10.24 20.50
N ILE A 179 20.69 9.00 19.99
CA ILE A 179 20.96 8.72 18.59
C ILE A 179 19.71 9.06 17.80
N CYS A 180 19.86 9.93 16.80
CA CYS A 180 18.72 10.36 16.01
C CYS A 180 18.95 10.10 14.53
N ASN A 181 18.65 8.86 14.13
CA ASN A 181 18.84 8.47 12.72
C ASN A 181 17.59 7.83 12.10
N TRP A 182 16.46 8.01 12.77
CA TRP A 182 15.14 7.87 12.14
C TRP A 182 14.77 6.44 11.76
N GLY A 183 15.44 5.46 12.36
CA GLY A 183 15.21 4.06 12.03
C GLY A 183 15.97 3.59 10.80
N TYR A 184 16.76 4.48 10.20
CA TYR A 184 17.53 4.11 9.01
C TYR A 184 18.61 3.12 9.40
N GLN A 185 18.79 2.09 8.57
CA GLN A 185 19.78 1.05 8.84
C GLN A 185 19.54 0.30 10.17
N ASN A 186 18.27 0.26 10.59
CA ASN A 186 17.82 -0.63 11.68
C ASN A 186 18.59 -0.46 12.99
N PRO A 187 18.51 0.74 13.62
CA PRO A 187 19.29 1.01 14.83
C PRO A 187 19.00 0.06 16.00
N TRP A 188 17.83 -0.57 16.01
CA TRP A 188 17.55 -1.59 17.01
C TRP A 188 18.57 -2.72 17.01
N ASN A 189 19.25 -2.94 15.88
CA ASN A 189 20.27 -3.99 15.82
C ASN A 189 21.57 -3.66 16.53
N TRP A 190 21.89 -2.37 16.65
CA TRP A 190 23.25 -1.98 17.05
C TRP A 190 23.36 -0.85 18.08
N ALA A 191 22.27 -0.12 18.34
CA ALA A 191 22.38 1.07 19.18
C ALA A 191 22.50 0.78 20.69
N ALA A 192 21.90 -0.31 21.17
CA ALA A 192 22.05 -0.67 22.58
C ALA A 192 23.54 -0.86 22.88
N GLY A 193 24.01 -0.25 23.96
CA GLY A 193 25.43 -0.28 24.27
C GLY A 193 26.19 0.92 23.74
N GLN A 194 25.68 1.55 22.68
CA GLN A 194 26.24 2.81 22.17
C GLN A 194 25.60 4.03 22.83
N ALA A 195 24.32 3.91 23.12
CA ALA A 195 23.53 5.04 23.63
C ALA A 195 22.32 4.56 24.39
N PRO A 196 21.83 5.38 25.34
CA PRO A 196 20.61 5.03 26.08
C PRO A 196 19.32 5.14 25.26
N LEU A 197 19.34 5.83 24.13
CA LEU A 197 18.13 5.95 23.30
C LEU A 197 18.46 6.15 21.82
N TRP A 198 17.62 5.58 20.95
CA TRP A 198 17.78 5.71 19.49
C TRP A 198 16.41 5.87 18.84
N ARG A 199 16.32 6.85 17.94
CA ARG A 199 15.09 7.05 17.17
C ARG A 199 14.83 5.87 16.24
N THR A 200 13.57 5.43 16.24
CA THR A 200 13.18 4.24 15.49
C THR A 200 12.40 4.53 14.20
N SER A 201 12.10 5.80 13.96
CA SER A 201 11.31 6.20 12.80
C SER A 201 11.53 7.66 12.44
N THR A 202 10.93 8.07 11.33
CA THR A 202 10.89 9.49 10.98
C THR A 202 10.06 10.28 11.98
N ASP A 203 10.05 11.61 11.82
CA ASP A 203 9.55 12.52 12.85
C ASP A 203 8.05 12.37 13.09
N ILE A 204 7.65 12.51 14.35
CA ILE A 204 6.24 12.40 14.71
C ILE A 204 5.39 13.54 14.13
N ILE A 205 6.01 14.71 13.96
CA ILE A 205 5.32 15.86 13.36
C ILE A 205 6.31 16.73 12.58
N TYR A 206 5.86 17.21 11.41
CA TYR A 206 6.65 18.15 10.61
C TYR A 206 6.08 19.56 10.75
N TYR A 207 6.99 20.54 10.79
CA TYR A 207 6.63 21.91 11.16
C TYR A 207 5.66 22.52 10.16
N GLY A 208 4.52 22.98 10.66
CA GLY A 208 3.45 23.49 9.82
C GLY A 208 2.23 22.57 9.80
N ASN A 209 2.46 21.30 10.09
CA ASN A 209 1.36 20.33 10.15
C ASN A 209 0.72 20.26 11.54
N GLN A 210 -0.50 19.75 11.59
CA GLN A 210 -1.22 19.56 12.84
C GLN A 210 -0.88 18.18 13.41
N PRO A 211 -0.83 18.06 14.75
CA PRO A 211 -0.62 16.76 15.37
C PRO A 211 -1.62 15.71 14.90
N SER A 212 -1.13 14.51 14.60
CA SER A 212 -1.93 13.45 14.00
C SER A 212 -1.84 12.16 14.80
N MET A 213 -2.99 11.60 15.18
CA MET A 213 -3.02 10.29 15.83
C MET A 213 -2.48 9.20 14.90
N THR A 214 -2.74 9.34 13.60
CA THR A 214 -2.21 8.38 12.61
C THR A 214 -0.68 8.37 12.66
N SER A 215 -0.08 9.56 12.71
CA SER A 215 1.37 9.67 12.80
C SER A 215 1.89 9.10 14.12
N LEU A 216 1.22 9.44 15.22
CA LEU A 216 1.55 8.92 16.55
C LEU A 216 1.58 7.39 16.56
N LEU A 217 0.51 6.77 16.04
CA LEU A 217 0.41 5.32 16.02
C LEU A 217 1.46 4.67 15.14
N SER A 218 1.82 5.34 14.04
CA SER A 218 2.88 4.83 13.17
C SER A 218 4.23 4.83 13.89
N ASN A 219 4.54 5.92 14.57
CA ASN A 219 5.75 5.98 15.37
C ASN A 219 5.76 4.93 16.49
N PHE A 220 4.62 4.76 17.16
CA PHE A 220 4.50 3.73 18.17
C PHE A 220 4.80 2.34 17.59
N ASP A 221 4.13 2.00 16.49
CA ASP A 221 4.30 0.68 15.88
C ASP A 221 5.76 0.42 15.51
N GLN A 222 6.41 1.46 14.99
CA GLN A 222 7.80 1.33 14.51
C GLN A 222 8.85 1.26 15.64
N THR A 223 8.44 1.56 16.86
CA THR A 223 9.36 1.59 17.99
C THR A 223 9.42 0.25 18.73
N LEU A 224 8.52 -0.66 18.37
CA LEU A 224 8.40 -1.94 19.08
C LEU A 224 9.46 -2.91 18.59
N HIS A 225 10.54 -2.99 19.36
CA HIS A 225 11.67 -3.90 19.11
C HIS A 225 12.13 -4.38 20.48
N PRO A 226 11.39 -5.34 21.06
CA PRO A 226 11.54 -5.66 22.48
C PRO A 226 12.86 -6.35 22.82
N THR A 227 13.51 -6.97 21.84
CA THR A 227 14.79 -7.61 22.12
C THR A 227 15.94 -6.61 22.17
N ALA A 228 15.70 -5.41 21.65
CA ALA A 228 16.70 -4.34 21.54
C ALA A 228 16.73 -3.45 22.77
N GLN A 229 15.60 -3.39 23.48
CA GLN A 229 15.47 -2.51 24.64
C GLN A 229 15.63 -3.29 25.93
N HIS A 230 16.52 -2.82 26.79
CA HIS A 230 16.76 -3.44 28.10
C HIS A 230 17.89 -2.72 28.80
N THR A 231 17.95 -2.89 30.12
CA THR A 231 19.06 -2.42 30.94
C THR A 231 19.53 -1.00 30.63
N GLY A 232 18.58 -0.07 30.51
CA GLY A 232 18.87 1.34 30.29
C GLY A 232 18.99 1.80 28.84
N TYR A 233 18.78 0.88 27.91
CA TYR A 233 18.81 1.18 26.48
C TYR A 233 17.39 1.12 25.91
N TYR A 234 16.96 2.21 25.26
CA TYR A 234 15.54 2.40 24.88
C TYR A 234 15.30 2.73 23.42
N ASN A 235 14.28 2.08 22.85
CA ASN A 235 13.68 2.54 21.60
C ASN A 235 13.00 3.90 21.81
N ASP A 236 13.17 4.80 20.85
CA ASP A 236 12.66 6.17 20.94
C ASP A 236 11.68 6.50 19.82
N PRO A 237 10.37 6.49 20.14
CA PRO A 237 9.33 6.80 19.17
C PRO A 237 9.11 8.30 18.90
N ASP A 238 9.99 9.14 19.46
CA ASP A 238 10.07 10.60 19.25
C ASP A 238 9.42 11.43 20.35
N MET A 239 9.67 12.73 20.28
CA MET A 239 9.23 13.73 21.25
C MET A 239 7.70 13.83 21.29
N LEU A 240 7.16 14.04 22.49
CA LEU A 240 5.71 14.07 22.69
C LEU A 240 5.01 15.22 21.99
N MET A 241 3.82 14.93 21.46
CA MET A 241 2.92 15.96 20.97
C MET A 241 1.84 16.29 22.00
N VAL A 242 1.94 15.69 23.19
CA VAL A 242 0.99 15.95 24.27
C VAL A 242 0.84 17.46 24.46
N GLY A 243 -0.41 17.93 24.45
CA GLY A 243 -0.68 19.34 24.70
C GLY A 243 -0.58 20.25 23.50
N MET A 244 -0.20 19.72 22.35
CA MET A 244 -0.12 20.52 21.14
C MET A 244 -1.50 20.79 20.57
N ASP A 245 -1.65 21.88 19.84
CA ASP A 245 -2.97 22.32 19.38
C ASP A 245 -3.65 21.27 18.51
N GLY A 246 -4.90 20.97 18.85
CA GLY A 246 -5.70 19.99 18.12
C GLY A 246 -5.88 18.68 18.85
N PHE A 247 -4.91 18.31 19.69
CA PHE A 247 -5.04 17.10 20.49
C PHE A 247 -5.99 17.33 21.66
N THR A 248 -6.93 16.42 21.82
CA THR A 248 -7.88 16.47 22.94
C THR A 248 -7.22 15.85 24.18
N ALA A 249 -7.86 16.01 25.34
CA ALA A 249 -7.38 15.37 26.55
C ALA A 249 -7.27 13.85 26.38
N ALA A 250 -8.25 13.24 25.73
CA ALA A 250 -8.25 11.78 25.55
C ALA A 250 -7.08 11.36 24.67
N GLN A 251 -6.83 12.13 23.61
CA GLN A 251 -5.68 11.86 22.75
C GLN A 251 -4.35 12.05 23.48
N ASN A 252 -4.28 13.07 24.32
CA ASN A 252 -3.13 13.29 25.18
C ASN A 252 -2.86 12.12 26.13
N ARG A 253 -3.91 11.59 26.75
CA ARG A 253 -3.78 10.42 27.61
C ARG A 253 -3.32 9.20 26.82
N THR A 254 -3.94 8.96 25.67
CA THR A 254 -3.53 7.84 24.81
C THR A 254 -2.04 7.95 24.42
N HIS A 255 -1.59 9.17 24.11
CA HIS A 255 -0.19 9.42 23.79
C HIS A 255 0.71 9.01 24.94
N MET A 256 0.35 9.42 26.17
CA MET A 256 1.09 9.01 27.36
C MET A 256 1.04 7.49 27.56
N ASN A 257 -0.12 6.89 27.34
CA ASN A 257 -0.30 5.46 27.58
C ASN A 257 0.63 4.62 26.72
N LEU A 258 0.68 4.97 25.44
CA LEU A 258 1.47 4.21 24.48
C LEU A 258 2.97 4.43 24.68
N TRP A 259 3.37 5.66 24.96
CA TRP A 259 4.77 5.90 25.29
C TRP A 259 5.15 5.17 26.58
N ALA A 260 4.27 5.19 27.58
CA ALA A 260 4.53 4.50 28.84
C ALA A 260 4.61 2.99 28.69
N ILE A 261 3.73 2.39 27.90
CA ILE A 261 3.77 0.93 27.73
C ILE A 261 5.06 0.51 27.01
N SER A 262 5.60 1.41 26.20
CA SER A 262 6.89 1.16 25.55
C SER A 262 8.06 1.34 26.52
N GLY A 263 7.89 2.21 27.52
CA GLY A 263 8.99 2.68 28.36
C GLY A 263 9.79 3.76 27.65
N ALA A 264 9.14 4.46 26.73
CA ALA A 264 9.78 5.46 25.89
C ALA A 264 10.21 6.69 26.66
N PRO A 265 11.18 7.45 26.12
CA PRO A 265 11.44 8.75 26.74
C PRO A 265 10.18 9.59 26.74
N LEU A 266 10.02 10.42 27.78
CA LEU A 266 8.90 11.38 27.84
C LEU A 266 9.51 12.76 27.71
N LEU A 267 9.72 13.16 26.46
CA LEU A 267 10.31 14.46 26.18
C LEU A 267 9.22 15.35 25.62
N ALA A 268 8.67 16.19 26.49
CA ALA A 268 7.57 17.08 26.11
C ALA A 268 7.95 17.99 24.96
N GLY A 269 6.98 18.27 24.10
CA GLY A 269 7.22 19.08 22.90
C GLY A 269 6.27 20.25 22.73
N ASN A 270 5.34 20.40 23.67
CA ASN A 270 4.36 21.50 23.61
C ASN A 270 4.94 22.82 24.10
N ASP A 271 4.22 23.90 23.86
CA ASP A 271 4.58 25.21 24.37
C ASP A 271 4.13 25.29 25.83
N LEU A 272 5.08 25.25 26.75
CA LEU A 272 4.74 25.14 28.16
C LEU A 272 4.10 26.40 28.73
N THR A 273 4.31 27.52 28.07
CA THR A 273 3.78 28.80 28.55
C THR A 273 2.25 28.92 28.39
N THR A 274 1.66 28.13 27.50
CA THR A 274 0.21 28.18 27.27
C THR A 274 -0.46 26.83 27.56
N MET A 275 0.22 25.99 28.33
CA MET A 275 -0.28 24.66 28.66
C MET A 275 -1.48 24.73 29.60
N THR A 276 -2.53 23.96 29.29
CA THR A 276 -3.72 23.91 30.12
C THR A 276 -3.45 23.15 31.42
N SER A 277 -4.28 23.39 32.43
CA SER A 277 -4.19 22.67 33.69
C SER A 277 -4.34 21.17 33.47
N GLU A 278 -5.28 20.79 32.60
CA GLU A 278 -5.56 19.39 32.31
C GLU A 278 -4.36 18.73 31.65
N THR A 279 -3.74 19.42 30.69
CA THR A 279 -2.54 18.90 30.03
C THR A 279 -1.40 18.67 31.02
N ALA A 280 -1.14 19.65 31.87
CA ALA A 280 -0.10 19.52 32.90
C ALA A 280 -0.38 18.28 33.77
N GLY A 281 -1.63 18.09 34.16
CA GLY A 281 -2.02 16.92 34.95
C GLY A 281 -1.80 15.60 34.23
N ILE A 282 -1.98 15.61 32.92
CA ILE A 282 -1.78 14.41 32.08
C ILE A 282 -0.27 14.07 31.98
N LEU A 283 0.56 15.08 31.74
CA LEU A 283 2.02 14.87 31.76
C LEU A 283 2.50 14.39 33.12
N LYS A 284 1.81 14.79 34.18
CA LYS A 284 2.29 14.56 35.53
C LYS A 284 1.71 13.35 36.26
N ASN A 285 0.84 12.59 35.61
CA ASN A 285 0.19 11.45 36.26
C ASN A 285 1.26 10.50 36.80
N PRO A 286 1.36 10.37 38.14
CA PRO A 286 2.49 9.64 38.68
C PRO A 286 2.42 8.14 38.43
N GLU A 287 1.20 7.62 38.26
CA GLU A 287 1.04 6.18 38.06
C GLU A 287 1.46 5.80 36.63
N VAL A 288 1.10 6.64 35.67
CA VAL A 288 1.51 6.43 34.28
C VAL A 288 3.02 6.64 34.12
N ILE A 289 3.55 7.68 34.77
CA ILE A 289 5.00 7.90 34.80
C ILE A 289 5.73 6.70 35.38
N ALA A 290 5.21 6.15 36.49
CA ALA A 290 5.85 4.98 37.11
C ALA A 290 5.89 3.77 36.16
N VAL A 291 4.87 3.61 35.34
CA VAL A 291 4.88 2.54 34.34
C VAL A 291 5.96 2.84 33.31
N ASP A 292 5.99 4.07 32.81
CA ASP A 292 7.00 4.46 31.82
C ASP A 292 8.42 4.25 32.33
N GLN A 293 8.62 4.61 33.60
CA GLN A 293 9.94 4.64 34.23
C GLN A 293 10.22 3.38 35.02
N ASP A 294 9.48 2.31 34.71
CA ASP A 294 9.60 1.07 35.47
C ASP A 294 11.06 0.61 35.64
N SER A 295 11.40 0.20 36.85
CA SER A 295 12.79 -0.14 37.22
C SER A 295 13.39 -1.32 36.46
N ARG A 296 12.54 -2.15 35.86
CA ARG A 296 13.00 -3.35 35.17
C ARG A 296 13.42 -3.05 33.73
N GLY A 297 12.98 -1.92 33.18
CA GLY A 297 13.46 -1.42 31.88
C GLY A 297 12.99 -2.13 30.61
N LEU A 298 11.98 -3.00 30.74
CA LEU A 298 11.53 -3.81 29.60
C LEU A 298 10.55 -3.05 28.71
N GLN A 299 10.43 -3.47 27.46
CA GLN A 299 9.46 -2.87 26.55
C GLN A 299 8.15 -3.68 26.51
N GLY A 300 7.03 -2.96 26.55
CA GLY A 300 5.73 -3.56 26.35
C GLY A 300 5.58 -4.09 24.94
N VAL A 301 4.67 -5.05 24.80
CA VAL A 301 4.48 -5.79 23.55
C VAL A 301 2.99 -6.05 23.35
N LYS A 302 2.59 -6.25 22.09
CA LYS A 302 1.20 -6.63 21.82
C LYS A 302 0.99 -8.06 22.30
N VAL A 303 -0.06 -8.26 23.10
CA VAL A 303 -0.36 -9.60 23.60
C VAL A 303 -1.67 -10.16 23.07
N ALA A 304 -2.51 -9.32 22.47
CA ALA A 304 -3.73 -9.82 21.83
C ALA A 304 -4.29 -8.85 20.80
N GLU A 305 -4.89 -9.42 19.75
CA GLU A 305 -5.71 -8.69 18.80
C GLU A 305 -6.71 -9.69 18.20
N ASP A 306 -7.66 -10.13 19.02
CA ASP A 306 -8.65 -11.12 18.59
C ASP A 306 -9.56 -10.59 17.48
N THR A 307 -9.83 -9.28 17.53
CA THR A 307 -10.58 -8.57 16.50
C THR A 307 -9.71 -7.45 15.96
N THR A 308 -9.66 -7.27 14.64
CA THR A 308 -8.80 -6.25 14.03
C THR A 308 -9.02 -4.88 14.65
N GLY A 309 -7.93 -4.25 15.08
CA GLY A 309 -7.99 -2.90 15.63
C GLY A 309 -8.35 -2.81 17.10
N LEU A 310 -8.66 -3.95 17.72
CA LEU A 310 -8.92 -4.00 19.15
C LEU A 310 -7.76 -4.73 19.79
N GLN A 311 -6.88 -3.98 20.44
CA GLN A 311 -5.58 -4.53 20.84
C GLN A 311 -5.34 -4.44 22.33
N ALA A 312 -4.62 -5.43 22.86
CA ALA A 312 -4.11 -5.38 24.21
C ALA A 312 -2.58 -5.42 24.16
N TYR A 313 -1.95 -4.42 24.79
CA TYR A 313 -0.50 -4.38 24.97
C TYR A 313 -0.19 -4.63 26.42
N GLY A 314 0.82 -5.45 26.68
CA GLY A 314 1.24 -5.75 28.04
C GLY A 314 2.70 -5.46 28.26
N LYS A 315 3.02 -5.01 29.46
CA LYS A 315 4.38 -4.74 29.86
C LYS A 315 4.69 -5.44 31.17
N VAL A 316 5.80 -6.17 31.19
CA VAL A 316 6.28 -6.83 32.39
C VAL A 316 6.97 -5.80 33.28
N LEU A 317 6.40 -5.58 34.46
CA LEU A 317 6.93 -4.60 35.40
C LEU A 317 7.88 -5.22 36.41
N SER A 318 8.53 -4.35 37.17
CA SER A 318 9.38 -4.76 38.27
C SER A 318 8.60 -5.60 39.29
N GLY A 319 9.34 -6.44 40.01
CA GLY A 319 8.73 -7.40 40.92
C GLY A 319 8.21 -8.59 40.14
N THR A 320 7.30 -9.34 40.78
CA THR A 320 6.75 -10.55 40.19
C THR A 320 5.23 -10.48 40.21
N GLY A 321 4.59 -10.95 39.13
CA GLY A 321 3.14 -10.93 39.01
C GLY A 321 2.55 -9.57 38.72
N ASN A 322 3.37 -8.67 38.16
CA ASN A 322 2.94 -7.29 37.87
C ASN A 322 3.05 -6.97 36.39
N ARG A 323 1.97 -6.40 35.86
CA ARG A 323 1.91 -6.00 34.46
C ARG A 323 1.23 -4.65 34.33
N ALA A 324 1.64 -3.89 33.32
CA ALA A 324 0.83 -2.78 32.84
C ALA A 324 0.17 -3.23 31.56
N VAL A 325 -1.01 -2.69 31.28
CA VAL A 325 -1.76 -3.04 30.09
C VAL A 325 -2.34 -1.77 29.45
N VAL A 326 -2.20 -1.66 28.13
CA VAL A 326 -2.97 -0.67 27.39
C VAL A 326 -3.94 -1.40 26.48
N LEU A 327 -5.22 -1.06 26.60
CA LEU A 327 -6.23 -1.53 25.68
C LEU A 327 -6.46 -0.41 24.67
N LEU A 328 -6.21 -0.71 23.40
CA LEU A 328 -6.22 0.31 22.35
C LEU A 328 -7.26 -0.01 21.27
N ASN A 329 -8.09 0.97 20.95
CA ASN A 329 -9.13 0.81 19.94
C ASN A 329 -8.83 1.68 18.72
N ARG A 330 -8.38 1.04 17.64
CA ARG A 330 -8.04 1.75 16.40
C ARG A 330 -9.22 1.80 15.42
N THR A 331 -10.37 1.31 15.85
CA THR A 331 -11.56 1.27 14.98
C THR A 331 -12.38 2.55 15.09
N SER A 332 -13.43 2.63 14.28
CA SER A 332 -14.30 3.79 14.21
C SER A 332 -15.48 3.74 15.18
N ALA A 333 -15.54 2.70 16.01
CA ALA A 333 -16.63 2.55 16.98
C ALA A 333 -16.13 2.06 18.34
N ALA A 334 -16.85 2.42 19.39
CA ALA A 334 -16.54 1.93 20.74
C ALA A 334 -16.79 0.42 20.81
N HIS A 335 -15.88 -0.29 21.48
CA HIS A 335 -15.96 -1.74 21.59
C HIS A 335 -15.32 -2.19 22.89
N ASP A 336 -15.79 -3.33 23.40
CA ASP A 336 -15.12 -4.01 24.50
C ASP A 336 -13.80 -4.58 24.03
N ILE A 337 -12.78 -4.48 24.89
CA ILE A 337 -11.49 -5.11 24.65
C ILE A 337 -11.10 -5.89 25.89
N THR A 338 -10.63 -7.12 25.70
CA THR A 338 -10.28 -8.02 26.78
C THR A 338 -8.78 -8.28 26.77
N VAL A 339 -8.20 -8.35 27.97
CA VAL A 339 -6.84 -8.88 28.16
C VAL A 339 -6.93 -10.14 29.03
N ARG A 340 -6.25 -11.20 28.61
CA ARG A 340 -6.24 -12.46 29.34
C ARG A 340 -4.95 -12.64 30.12
N TRP A 341 -5.05 -13.19 31.33
CA TRP A 341 -3.85 -13.46 32.12
C TRP A 341 -2.89 -14.37 31.37
N SER A 342 -3.42 -15.36 30.65
CA SER A 342 -2.60 -16.30 29.90
C SER A 342 -1.68 -15.59 28.92
N ASP A 343 -2.23 -14.60 28.21
CA ASP A 343 -1.46 -13.84 27.23
C ASP A 343 -0.36 -13.00 27.89
N LEU A 344 -0.60 -12.59 29.12
CA LEU A 344 0.37 -11.80 29.89
C LEU A 344 1.47 -12.63 30.54
N GLY A 345 1.36 -13.96 30.45
CA GLY A 345 2.34 -14.83 31.08
C GLY A 345 2.09 -15.01 32.57
N LEU A 346 0.83 -14.82 32.97
CA LEU A 346 0.40 -15.12 34.33
C LEU A 346 -0.42 -16.39 34.30
N THR A 347 -0.49 -17.09 35.42
CA THR A 347 -1.41 -18.23 35.53
C THR A 347 -2.84 -17.73 35.77
N ASN A 348 -3.80 -18.65 35.73
CA ASN A 348 -5.18 -18.29 36.04
C ASN A 348 -5.39 -18.26 37.57
N ALA A 349 -4.77 -17.28 38.19
CA ALA A 349 -4.87 -17.01 39.62
C ALA A 349 -5.29 -15.56 39.80
N SER A 350 -5.92 -15.26 40.95
CA SER A 350 -6.42 -13.93 41.22
C SER A 350 -5.37 -12.83 41.08
N ALA A 351 -5.78 -11.75 40.43
CA ALA A 351 -4.95 -10.55 40.32
C ALA A 351 -5.87 -9.33 40.36
N THR A 352 -5.32 -8.20 40.78
CA THR A 352 -6.08 -6.96 40.95
C THR A 352 -5.84 -6.01 39.77
N VAL A 353 -6.92 -5.48 39.23
CA VAL A 353 -6.88 -4.56 38.10
C VAL A 353 -7.08 -3.12 38.58
N ARG A 354 -6.22 -2.23 38.10
CA ARG A 354 -6.28 -0.81 38.45
C ARG A 354 -6.30 0.03 37.18
N ASP A 355 -7.15 1.04 37.16
CA ASP A 355 -7.24 2.00 36.08
C ASP A 355 -6.40 3.20 36.48
N LEU A 356 -5.37 3.51 35.67
CA LEU A 356 -4.38 4.51 36.05
C LEU A 356 -4.80 5.96 35.83
N TRP A 357 -5.87 6.17 35.06
CA TRP A 357 -6.43 7.51 34.87
C TRP A 357 -7.54 7.77 35.88
N ALA A 358 -8.35 6.75 36.16
CA ALA A 358 -9.29 6.85 37.28
C ALA A 358 -8.57 6.87 38.63
N ARG A 359 -7.33 6.34 38.64
CA ARG A 359 -6.53 6.15 39.87
C ARG A 359 -7.34 5.36 40.93
N GLN A 360 -7.95 4.27 40.47
CA GLN A 360 -8.77 3.41 41.31
C GLN A 360 -8.66 1.97 40.88
N ASN A 361 -8.68 1.07 41.87
CA ASN A 361 -8.82 -0.36 41.59
C ASN A 361 -10.22 -0.63 41.05
N VAL A 362 -10.31 -1.46 40.02
CA VAL A 362 -11.56 -1.65 39.28
C VAL A 362 -12.04 -3.10 39.24
N GLY A 363 -11.35 -3.98 39.98
CA GLY A 363 -11.82 -5.35 40.14
C GLY A 363 -10.71 -6.36 40.26
N THR A 364 -11.10 -7.61 40.47
CA THR A 364 -10.17 -8.74 40.52
C THR A 364 -10.68 -9.83 39.59
N SER A 365 -9.76 -10.65 39.11
CA SER A 365 -10.11 -11.80 38.28
C SER A 365 -9.02 -12.84 38.33
N ALA A 366 -9.39 -14.10 38.15
CA ALA A 366 -8.43 -15.17 37.99
C ALA A 366 -8.16 -15.50 36.51
N THR A 367 -8.77 -14.77 35.58
CA THR A 367 -8.58 -15.07 34.15
C THR A 367 -8.33 -13.87 33.22
N GLY A 368 -8.88 -12.70 33.54
CA GLY A 368 -8.76 -11.58 32.60
C GLY A 368 -9.60 -10.38 32.95
N TYR A 369 -9.57 -9.39 32.06
CA TYR A 369 -10.30 -8.16 32.28
C TYR A 369 -10.79 -7.57 30.97
N THR A 370 -12.01 -7.06 30.99
CA THR A 370 -12.65 -6.45 29.82
C THR A 370 -13.10 -5.03 30.16
N ALA A 371 -12.79 -4.10 29.27
CA ALA A 371 -13.25 -2.72 29.40
C ALA A 371 -13.80 -2.19 28.09
N SER A 372 -14.77 -1.28 28.19
CA SER A 372 -15.26 -0.57 27.02
C SER A 372 -14.26 0.50 26.66
N VAL A 373 -13.86 0.55 25.39
CA VAL A 373 -12.86 1.51 24.91
C VAL A 373 -13.42 2.31 23.74
N PRO A 374 -13.39 3.66 23.84
CA PRO A 374 -13.93 4.51 22.77
C PRO A 374 -13.18 4.35 21.45
N ALA A 375 -13.84 4.66 20.34
CA ALA A 375 -13.20 4.70 19.02
C ALA A 375 -11.97 5.60 19.07
N GLY A 376 -10.83 5.06 18.66
CA GLY A 376 -9.57 5.81 18.67
C GLY A 376 -8.98 6.02 20.06
N GLY A 377 -9.61 5.46 21.08
CA GLY A 377 -9.21 5.70 22.47
C GLY A 377 -8.42 4.55 23.08
N SER A 378 -8.14 4.69 24.38
CA SER A 378 -7.36 3.68 25.09
C SER A 378 -7.68 3.69 26.58
N VAL A 379 -7.40 2.55 27.21
CA VAL A 379 -7.52 2.41 28.66
C VAL A 379 -6.18 1.92 29.17
N MET A 380 -5.71 2.51 30.27
CA MET A 380 -4.42 2.23 30.87
C MET A 380 -4.64 1.53 32.21
N LEU A 381 -4.11 0.31 32.33
CA LEU A 381 -4.31 -0.50 33.53
C LEU A 381 -3.01 -1.05 34.09
N THR A 382 -3.05 -1.45 35.35
CA THR A 382 -2.10 -2.43 35.86
C THR A 382 -2.85 -3.65 36.32
N VAL A 383 -2.16 -4.79 36.24
CA VAL A 383 -2.63 -6.07 36.75
C VAL A 383 -1.54 -6.50 37.71
N THR A 384 -1.86 -6.54 39.00
CA THR A 384 -0.85 -6.78 40.03
C THR A 384 -1.28 -7.86 40.99
N GLY A 385 -0.32 -8.43 41.71
CA GLY A 385 -0.59 -9.52 42.64
C GLY A 385 -0.87 -10.84 41.95
N GLY A 386 -0.54 -10.93 40.66
CA GLY A 386 -0.74 -12.16 39.91
C GLY A 386 0.30 -13.22 40.23
N THR A 387 0.11 -14.40 39.65
CA THR A 387 1.06 -15.48 39.78
C THR A 387 1.77 -15.69 38.43
N GLU A 388 3.09 -15.64 38.45
CA GLU A 388 3.87 -15.84 37.23
C GLU A 388 3.75 -17.25 36.68
N ALA A 389 3.73 -17.35 35.36
CA ALA A 389 3.90 -18.63 34.68
C ALA A 389 5.15 -19.34 35.22
N ALA A 390 5.14 -20.68 35.22
N ALA A 390 5.09 -20.68 35.22
CA ALA A 390 6.19 -21.46 35.91
CA ALA A 390 6.23 -21.51 35.52
C ALA A 390 7.63 -21.24 35.45
C ALA A 390 7.38 -21.08 34.64
N GLY A 391 7.86 -21.17 34.13
N GLY A 391 8.50 -20.74 35.27
CA GLY A 391 9.20 -20.88 33.62
CA GLY A 391 9.69 -20.39 34.54
C GLY A 391 10.26 -21.95 33.85
C GLY A 391 10.63 -21.57 34.55
N GLY A 392 11.53 -21.60 33.59
CA GLY A 392 12.67 -22.52 33.67
C GLY A 392 13.86 -21.84 34.32
N ALA A 393 14.72 -22.63 34.95
CA ALA A 393 15.97 -22.14 35.51
C ALA A 393 17.14 -22.91 34.95
N TYR A 394 18.23 -22.21 34.63
CA TYR A 394 19.37 -22.82 33.97
C TYR A 394 20.68 -22.39 34.59
N ALA A 395 21.61 -23.34 34.68
CA ALA A 395 22.98 -23.07 35.04
C ALA A 395 23.84 -23.20 33.79
N ALA A 396 24.84 -22.33 33.66
CA ALA A 396 25.71 -22.33 32.49
C ALA A 396 26.40 -23.68 32.32
N THR A 397 26.41 -24.17 31.09
CA THR A 397 27.04 -25.46 30.78
C THR A 397 28.51 -25.28 30.39
N SER A 398 28.86 -24.05 30.02
CA SER A 398 30.25 -23.60 29.87
C SER A 398 30.30 -22.11 30.15
N THR A 399 31.50 -21.53 30.18
CA THR A 399 31.67 -20.12 30.54
C THR A 399 30.78 -19.18 29.72
N GLY A 400 29.86 -18.53 30.42
CA GLY A 400 28.94 -17.56 29.82
C GLY A 400 27.92 -18.12 28.86
N ARG A 401 27.77 -19.45 28.81
CA ARG A 401 26.89 -20.09 27.84
C ARG A 401 25.81 -20.94 28.50
N TYR A 402 24.56 -20.60 28.21
CA TYR A 402 23.40 -21.33 28.71
C TYR A 402 22.78 -22.10 27.56
N THR A 403 22.67 -23.42 27.72
CA THR A 403 22.19 -24.29 26.66
C THR A 403 20.96 -25.11 27.10
N GLY A 404 20.27 -25.70 26.14
CA GLY A 404 19.07 -26.50 26.43
C GLY A 404 17.90 -25.65 26.88
N VAL A 405 17.92 -24.37 26.54
CA VAL A 405 16.89 -23.45 26.98
C VAL A 405 15.61 -23.74 26.21
N THR A 406 14.52 -23.90 26.96
CA THR A 406 13.29 -24.46 26.41
C THR A 406 12.17 -23.44 26.28
N ALA A 407 11.43 -23.53 25.18
CA ALA A 407 10.24 -22.73 24.97
C ALA A 407 9.11 -23.63 24.42
N ALA A 408 7.93 -23.53 25.03
CA ALA A 408 6.77 -24.31 24.58
C ALA A 408 6.30 -23.85 23.19
N SER A 409 6.56 -22.59 22.89
CA SER A 409 6.23 -22.00 21.60
C SER A 409 7.36 -21.08 21.18
N THR A 410 7.52 -20.90 19.87
CA THR A 410 8.34 -19.80 19.37
C THR A 410 7.70 -18.50 19.85
N GLY A 411 8.53 -17.57 20.34
CA GLY A 411 8.01 -16.27 20.78
C GLY A 411 8.86 -15.61 21.83
N LEU A 412 8.31 -14.53 22.39
CA LEU A 412 9.07 -13.69 23.32
C LEU A 412 9.06 -14.23 24.74
N ASN A 413 10.21 -14.14 25.39
CA ASN A 413 10.42 -14.60 26.75
C ASN A 413 11.11 -13.52 27.57
N VAL A 414 10.86 -13.51 28.88
CA VAL A 414 11.61 -12.67 29.80
C VAL A 414 12.69 -13.52 30.43
N VAL A 415 13.93 -13.05 30.34
CA VAL A 415 15.07 -13.73 30.97
C VAL A 415 15.63 -12.84 32.08
N ASP A 416 15.75 -13.42 33.27
CA ASP A 416 16.38 -12.75 34.41
C ASP A 416 17.76 -13.35 34.60
N VAL A 417 18.77 -12.51 34.47
CA VAL A 417 20.18 -12.95 34.52
C VAL A 417 20.77 -12.60 35.88
N ALA A 418 21.12 -13.62 36.65
CA ALA A 418 21.70 -13.42 37.99
C ALA A 418 23.20 -13.17 37.88
N TYR A 419 23.70 -12.26 38.71
CA TYR A 419 25.11 -11.86 38.65
C TYR A 419 25.46 -11.06 39.90
N THR A 420 26.76 -10.89 40.13
CA THR A 420 27.24 -9.99 41.16
C THR A 420 28.16 -8.98 40.49
N ASN A 421 27.98 -7.71 40.83
CA ASN A 421 28.87 -6.63 40.43
C ASN A 421 29.10 -5.74 41.64
N ASN A 422 30.03 -6.14 42.48
CA ASN A 422 30.33 -5.45 43.73
C ASN A 422 31.36 -4.35 43.49
N THR A 423 31.07 -3.48 42.52
CA THR A 423 31.88 -2.29 42.22
C THR A 423 30.94 -1.09 42.10
N SER A 424 31.51 0.09 41.87
CA SER A 424 30.74 1.33 41.78
C SER A 424 30.29 1.68 40.35
N SER A 425 30.65 0.83 39.38
CA SER A 425 30.35 1.11 37.97
C SER A 425 29.63 -0.07 37.31
N ALA A 426 28.72 0.25 36.40
CA ALA A 426 28.09 -0.78 35.57
C ALA A 426 29.12 -1.45 34.67
N ARG A 427 28.90 -2.74 34.41
CA ARG A 427 29.71 -3.47 33.42
C ARG A 427 28.80 -3.93 32.30
N THR A 428 29.36 -4.14 31.12
CA THR A 428 28.55 -4.61 29.98
C THR A 428 29.01 -5.96 29.47
N ALA A 429 28.08 -6.66 28.82
CA ALA A 429 28.37 -7.90 28.11
C ALA A 429 27.65 -7.90 26.76
N THR A 430 28.16 -8.68 25.82
CA THR A 430 27.43 -8.98 24.60
C THR A 430 26.59 -10.23 24.84
N LEU A 431 25.32 -10.17 24.47
CA LEU A 431 24.44 -11.33 24.53
C LEU A 431 24.05 -11.76 23.13
N GLN A 432 24.20 -13.05 22.84
CA GLN A 432 23.66 -13.60 21.60
C GLN A 432 22.77 -14.79 21.87
N VAL A 433 21.55 -14.71 21.33
CA VAL A 433 20.57 -15.78 21.44
C VAL A 433 20.62 -16.57 20.15
N ASN A 434 20.93 -17.86 20.24
CA ASN A 434 21.09 -18.70 19.05
C ASN A 434 21.99 -17.99 18.05
N GLY A 435 21.62 -18.00 16.76
CA GLY A 435 22.39 -17.28 15.74
C GLY A 435 21.82 -15.92 15.41
N GLN A 436 21.05 -15.34 16.33
CA GLN A 436 20.43 -14.05 16.10
C GLN A 436 21.44 -12.90 16.15
N THR A 437 20.98 -11.72 15.72
CA THR A 437 21.73 -10.49 15.91
C THR A 437 22.01 -10.32 17.41
N ALA A 438 23.27 -10.04 17.75
CA ALA A 438 23.67 -9.87 19.14
C ALA A 438 23.21 -8.52 19.70
N THR A 439 23.22 -8.42 21.03
CA THR A 439 22.85 -7.18 21.71
C THR A 439 23.83 -6.93 22.85
N THR A 440 23.73 -5.76 23.47
CA THR A 440 24.57 -5.42 24.62
C THR A 440 23.66 -5.32 25.85
N VAL A 441 24.14 -5.85 26.97
CA VAL A 441 23.41 -5.84 28.23
C VAL A 441 24.27 -5.15 29.27
N SER A 442 23.67 -4.25 30.03
CA SER A 442 24.36 -3.53 31.11
C SER A 442 24.01 -4.12 32.47
N PHE A 443 25.03 -4.22 33.32
CA PHE A 443 24.91 -4.84 34.64
C PHE A 443 25.26 -3.81 35.71
N PRO A 444 24.26 -3.14 36.30
CA PRO A 444 24.53 -2.15 37.34
C PRO A 444 25.15 -2.76 38.60
N PRO A 445 25.80 -1.92 39.44
CA PRO A 445 26.28 -2.36 40.75
C PRO A 445 25.21 -3.08 41.57
N THR A 446 25.63 -4.14 42.27
CA THR A 446 24.71 -4.98 43.07
C THR A 446 24.98 -4.94 44.58
N GLY A 447 26.15 -4.41 44.94
CA GLY A 447 26.68 -4.66 46.29
C GLY A 447 27.22 -6.09 46.36
N ALA A 448 27.40 -6.59 47.57
CA ALA A 448 28.05 -7.89 47.78
C ALA A 448 27.20 -9.09 47.37
N SER A 449 25.88 -8.93 47.45
CA SER A 449 24.95 -10.00 47.11
C SER A 449 24.56 -9.91 45.64
N ALA A 450 24.22 -11.07 45.07
CA ALA A 450 23.78 -11.15 43.68
C ALA A 450 22.44 -10.44 43.46
N GLY A 451 22.22 -10.03 42.22
CA GLY A 451 20.94 -9.50 41.78
C GLY A 451 20.66 -9.97 40.37
N THR A 452 19.52 -9.58 39.82
CA THR A 452 19.22 -9.87 38.41
C THR A 452 18.98 -8.61 37.63
N VAL A 453 19.34 -8.65 36.34
CA VAL A 453 18.75 -7.76 35.36
C VAL A 453 17.93 -8.61 34.39
N SER A 454 16.98 -7.96 33.72
CA SER A 454 16.10 -8.68 32.80
C SER A 454 16.26 -8.24 31.36
N VAL A 455 16.09 -9.19 30.45
CA VAL A 455 16.04 -8.90 29.03
C VAL A 455 14.86 -9.64 28.42
N GLU A 456 14.29 -9.09 27.35
CA GLU A 456 13.36 -9.86 26.55
C GLU A 456 14.11 -10.45 25.36
N VAL A 457 13.87 -11.74 25.12
CA VAL A 457 14.49 -12.46 24.01
C VAL A 457 13.43 -13.24 23.24
N SER A 458 13.72 -13.49 21.99
CA SER A 458 12.85 -14.31 21.15
C SER A 458 13.48 -15.70 21.07
N LEU A 459 12.68 -16.73 21.37
CA LEU A 459 13.17 -18.11 21.37
C LEU A 459 12.45 -18.97 20.35
N SER A 460 13.14 -20.02 19.89
CA SER A 460 12.53 -21.04 19.05
C SER A 460 11.86 -22.11 19.89
N LYS A 461 10.75 -22.63 19.38
CA LYS A 461 10.07 -23.76 20.01
C LYS A 461 11.05 -24.91 20.19
N GLY A 462 11.02 -25.51 21.38
CA GLY A 462 11.87 -26.65 21.70
C GLY A 462 12.94 -26.32 22.71
N SER A 463 13.93 -27.20 22.81
CA SER A 463 14.96 -27.09 23.85
C SER A 463 16.38 -26.91 23.30
N ALA A 464 16.48 -26.37 22.09
CA ALA A 464 17.80 -26.18 21.45
C ALA A 464 18.30 -24.73 21.53
N ASN A 465 17.64 -23.89 22.31
CA ASN A 465 18.03 -22.49 22.45
C ASN A 465 19.28 -22.30 23.30
N THR A 466 20.12 -21.36 22.88
CA THR A 466 21.35 -21.02 23.57
C THR A 466 21.40 -19.52 23.83
N LEU A 467 21.80 -19.15 25.04
CA LEU A 467 22.12 -17.76 25.36
C LEU A 467 23.60 -17.66 25.72
N ALA A 468 24.34 -16.87 24.95
CA ALA A 468 25.79 -16.75 25.13
C ALA A 468 26.16 -15.33 25.49
N LEU A 469 26.90 -15.19 26.59
CA LEU A 469 27.39 -13.91 27.04
C LEU A 469 28.90 -13.82 26.85
N SER A 470 29.35 -12.66 26.38
CA SER A 470 30.77 -12.39 26.18
C SER A 470 31.14 -11.10 26.90
N GLY A 471 32.13 -11.19 27.78
CA GLY A 471 32.54 -10.05 28.60
C GLY A 471 31.61 -9.86 29.79
N GLY A 472 31.89 -8.84 30.60
CA GLY A 472 31.04 -8.52 31.73
C GLY A 472 31.23 -9.45 32.92
N PRO A 473 30.38 -9.31 33.95
CA PRO A 473 30.51 -10.11 35.17
C PRO A 473 30.14 -11.57 34.94
N ALA A 474 30.73 -12.45 35.75
CA ALA A 474 30.32 -13.85 35.77
C ALA A 474 28.85 -13.89 36.18
N THR A 475 28.06 -14.64 35.42
CA THR A 475 26.65 -14.78 35.75
C THR A 475 26.45 -16.05 36.58
N GLU A 476 25.34 -16.09 37.29
CA GLU A 476 25.11 -17.11 38.30
C GLU A 476 23.79 -17.84 38.08
N GLY A 477 23.36 -17.89 36.83
CA GLY A 477 22.14 -18.58 36.46
C GLY A 477 21.17 -17.65 35.76
N ILE A 478 20.24 -18.23 35.00
CA ILE A 478 19.16 -17.48 34.37
C ILE A 478 17.81 -18.11 34.68
N THR A 479 16.78 -17.27 34.67
CA THR A 479 15.38 -17.70 34.75
C THR A 479 14.72 -17.27 33.44
N VAL A 480 13.88 -18.12 32.87
CA VAL A 480 13.23 -17.86 31.58
C VAL A 480 11.72 -18.08 31.71
N ARG A 481 10.93 -17.07 31.37
CA ARG A 481 9.45 -17.18 31.41
C ARG A 481 8.85 -16.68 30.10
N PRO A 482 7.87 -17.42 29.54
CA PRO A 482 7.26 -16.98 28.27
C PRO A 482 6.20 -15.90 28.43
N LEU A 483 6.01 -15.12 27.36
CA LEU A 483 4.89 -14.21 27.22
C LEU A 483 4.00 -14.78 26.11
N PRO A 484 3.03 -15.63 26.48
CA PRO A 484 2.28 -16.38 25.46
C PRO A 484 1.50 -15.53 24.45
N GLY A 485 1.14 -14.30 24.81
CA GLY A 485 0.45 -13.41 23.87
C GLY A 485 1.30 -13.09 22.65
N THR A 486 2.62 -13.27 22.79
CA THR A 486 3.55 -13.01 21.68
C THR A 486 3.85 -14.27 20.85
N ASN A 487 3.20 -15.38 21.18
CA ASN A 487 3.49 -16.64 20.51
C ASN A 487 3.37 -16.55 18.99
N GLY A 488 4.34 -17.14 18.32
CA GLY A 488 4.26 -17.33 16.88
C GLY A 488 4.83 -18.69 16.55
N ALA A 489 5.24 -18.85 15.29
CA ALA A 489 5.83 -20.09 14.82
C ALA A 489 6.87 -19.79 13.78
N LEU A 490 7.94 -20.58 13.78
CA LEU A 490 8.85 -20.59 12.64
C LEU A 490 8.07 -21.15 11.46
N VAL A 491 8.33 -20.59 10.29
CA VAL A 491 7.77 -21.14 9.06
C VAL A 491 8.97 -21.81 8.38
N THR A 492 9.08 -23.12 8.61
CA THR A 492 10.28 -23.86 8.23
C THR A 492 10.04 -24.64 6.95
N GLY A 493 10.89 -24.39 5.95
CA GLY A 493 10.80 -25.10 4.67
C GLY A 493 11.24 -26.55 4.78
N LYS A 494 10.45 -27.45 4.21
CA LYS A 494 10.75 -28.88 4.27
C LYS A 494 12.04 -29.22 3.54
N GLN A 495 12.18 -28.74 2.31
CA GLN A 495 13.35 -29.07 1.51
C GLN A 495 14.64 -28.50 2.12
N SER A 496 14.59 -27.24 2.55
CA SER A 496 15.78 -26.52 2.96
C SER A 496 16.14 -26.67 4.43
N GLY A 497 15.13 -26.87 5.27
CA GLY A 497 15.31 -26.81 6.72
C GLY A 497 15.54 -25.39 7.21
N ARG A 498 15.33 -24.41 6.35
CA ARG A 498 15.49 -23.00 6.69
C ARG A 498 14.15 -22.31 6.90
N CYS A 499 14.20 -21.12 7.48
CA CYS A 499 13.03 -20.42 8.00
C CYS A 499 12.70 -19.19 7.19
N ALA A 500 11.41 -18.92 7.00
CA ALA A 500 10.96 -17.66 6.41
C ALA A 500 11.42 -16.50 7.31
N ASP A 501 12.13 -15.56 6.69
CA ASP A 501 12.96 -14.58 7.40
C ASP A 501 12.86 -13.24 6.69
N ILE A 502 12.76 -12.16 7.48
CA ILE A 502 12.89 -10.80 6.94
C ILE A 502 14.25 -10.27 7.35
N TYR A 503 15.05 -9.94 6.35
CA TYR A 503 16.49 -9.71 6.54
C TYR A 503 16.82 -8.68 7.62
N ASN A 504 17.63 -9.12 8.59
CA ASN A 504 18.24 -8.22 9.55
C ASN A 504 17.23 -7.38 10.33
N ASN A 505 16.06 -7.96 10.60
CA ASN A 505 15.02 -7.29 11.40
C ASN A 505 14.50 -5.99 10.78
N THR A 506 14.51 -5.94 9.46
CA THR A 506 13.93 -4.83 8.71
C THR A 506 12.41 -4.83 8.84
N ILE A 507 11.83 -3.63 8.94
CA ILE A 507 10.37 -3.49 9.04
C ILE A 507 9.72 -2.80 7.83
N THR A 508 10.54 -2.36 6.89
CA THR A 508 10.07 -1.59 5.73
C THR A 508 9.04 -2.36 4.89
N ASN A 509 7.91 -1.72 4.62
CA ASN A 509 6.93 -2.25 3.68
C ASN A 509 7.59 -2.63 2.37
N GLY A 510 7.30 -3.85 1.91
CA GLY A 510 7.79 -4.32 0.62
C GLY A 510 9.05 -5.16 0.69
N THR A 511 9.62 -5.32 1.88
CA THR A 511 10.78 -6.19 2.06
C THR A 511 10.37 -7.64 1.77
N GLN A 512 11.12 -8.30 0.90
CA GLN A 512 10.76 -9.67 0.50
C GLN A 512 11.23 -10.71 1.49
N ALA A 513 10.37 -11.67 1.79
CA ALA A 513 10.72 -12.80 2.64
C ALA A 513 11.73 -13.70 1.94
N GLU A 514 12.63 -14.29 2.74
CA GLU A 514 13.65 -15.19 2.24
C GLU A 514 13.82 -16.39 3.16
N LEU A 515 14.44 -17.44 2.66
CA LEU A 515 14.92 -18.50 3.54
C LEU A 515 16.15 -18.02 4.29
N TRP A 516 16.22 -18.36 5.57
CA TRP A 516 17.44 -18.12 6.35
C TRP A 516 17.60 -19.19 7.42
N ASP A 517 18.84 -19.48 7.79
CA ASP A 517 19.11 -20.35 8.94
C ASP A 517 18.18 -20.00 10.09
N CYS A 518 17.52 -21.01 10.63
CA CYS A 518 16.55 -20.78 11.71
C CYS A 518 17.28 -20.32 12.97
N ASN A 519 16.80 -19.24 13.56
CA ASN A 519 17.39 -18.73 14.80
C ASN A 519 16.37 -18.27 15.84
N GLY A 520 15.10 -18.20 15.47
CA GLY A 520 14.06 -17.87 16.43
C GLY A 520 13.93 -16.40 16.76
N GLY A 521 14.59 -15.54 15.98
CA GLY A 521 14.48 -14.09 16.19
C GLY A 521 13.11 -13.54 15.87
N PRO A 522 12.85 -12.27 16.23
CA PRO A 522 11.53 -11.69 15.95
C PRO A 522 11.21 -11.64 14.45
N ASN A 523 12.25 -11.60 13.60
CA ASN A 523 12.07 -11.56 12.16
C ASN A 523 11.79 -12.94 11.56
N GLN A 524 11.58 -13.94 12.43
CA GLN A 524 11.26 -15.31 12.01
C GLN A 524 10.05 -15.89 12.71
N SER A 525 9.43 -15.10 13.60
CA SER A 525 8.33 -15.61 14.42
C SER A 525 6.99 -15.10 13.89
N TRP A 526 6.28 -15.96 13.17
CA TRP A 526 5.07 -15.58 12.47
C TRP A 526 3.85 -16.03 13.27
N THR A 527 2.94 -15.09 13.54
CA THR A 527 1.73 -15.40 14.28
C THR A 527 0.57 -15.56 13.30
N TYR A 528 -0.05 -16.74 13.30
CA TYR A 528 -1.20 -17.01 12.45
C TYR A 528 -2.48 -16.60 13.16
N THR A 529 -3.22 -15.65 12.57
CA THR A 529 -4.41 -15.09 13.20
C THR A 529 -5.69 -15.75 12.70
N SER A 530 -6.79 -15.51 13.42
CA SER A 530 -8.10 -16.02 13.04
C SER A 530 -8.56 -15.41 11.71
N ARG A 531 -7.88 -14.36 11.28
CA ARG A 531 -8.16 -13.69 10.00
C ARG A 531 -7.29 -14.24 8.88
N LYS A 532 -6.55 -15.31 9.18
CA LYS A 532 -5.66 -16.01 8.24
C LYS A 532 -4.41 -15.21 7.86
N GLU A 533 -4.05 -14.23 8.68
CA GLU A 533 -2.83 -13.48 8.47
C GLU A 533 -1.65 -14.21 9.08
N LEU A 534 -0.48 -14.03 8.48
CA LEU A 534 0.78 -14.43 9.10
C LEU A 534 1.53 -13.16 9.47
N VAL A 535 1.57 -12.88 10.77
CA VAL A 535 1.99 -11.58 11.27
C VAL A 535 3.37 -11.61 11.88
N LEU A 536 4.20 -10.63 11.50
CA LEU A 536 5.55 -10.47 12.02
C LEU A 536 5.64 -9.18 12.82
N TYR A 537 6.37 -9.23 13.94
CA TYR A 537 6.61 -8.08 14.81
C TYR A 537 5.33 -7.55 15.44
N GLY A 538 4.26 -8.34 15.39
CA GLY A 538 2.95 -7.92 15.87
C GLY A 538 2.17 -7.00 14.93
N ASN A 539 2.81 -6.51 13.86
CA ASN A 539 2.18 -5.46 13.05
C ASN A 539 2.51 -5.43 11.57
N LYS A 540 3.14 -6.48 11.05
CA LYS A 540 3.42 -6.60 9.63
C LYS A 540 2.85 -7.90 9.13
N CYS A 541 2.23 -7.88 7.95
CA CYS A 541 1.59 -9.06 7.40
C CYS A 541 2.35 -9.64 6.21
N LEU A 542 2.49 -10.96 6.18
CA LEU A 542 2.98 -11.65 4.98
C LEU A 542 2.00 -11.35 3.84
N ASP A 543 2.54 -10.96 2.69
CA ASP A 543 1.76 -10.24 1.69
C ASP A 543 2.22 -10.62 0.28
N ALA A 544 1.27 -11.05 -0.57
CA ALA A 544 1.53 -11.28 -1.98
C ALA A 544 1.50 -9.92 -2.66
N TYR A 545 2.69 -9.45 -3.04
CA TYR A 545 2.89 -8.06 -3.45
C TYR A 545 1.94 -7.61 -4.56
N ASN A 546 1.26 -6.49 -4.30
CA ASN A 546 0.31 -5.84 -5.22
C ASN A 546 -0.80 -6.79 -5.70
N LEU A 547 -1.19 -7.71 -4.82
CA LEU A 547 -2.22 -8.71 -5.10
C LEU A 547 -1.90 -9.56 -6.35
N GLY A 548 -0.62 -9.81 -6.58
CA GLY A 548 -0.16 -10.63 -7.71
C GLY A 548 -0.79 -12.00 -7.69
N THR A 549 -1.15 -12.49 -8.87
CA THR A 549 -1.87 -13.77 -8.99
C THR A 549 -1.14 -14.79 -9.86
N THR A 550 0.07 -14.46 -10.31
CA THR A 550 0.82 -15.33 -11.22
C THR A 550 2.18 -15.76 -10.66
N ASN A 551 2.73 -16.80 -11.26
CA ASN A 551 4.03 -17.35 -10.87
C ASN A 551 5.10 -16.28 -10.74
N GLY A 552 5.75 -16.24 -9.58
CA GLY A 552 6.88 -15.34 -9.38
C GLY A 552 6.52 -14.09 -8.60
N THR A 553 5.23 -13.92 -8.30
CA THR A 553 4.78 -12.81 -7.44
C THR A 553 5.59 -12.81 -6.15
N LYS A 554 6.16 -11.67 -5.82
CA LYS A 554 6.97 -11.55 -4.61
C LYS A 554 6.13 -11.63 -3.35
N VAL A 555 6.65 -12.35 -2.36
CA VAL A 555 6.00 -12.41 -1.05
C VAL A 555 6.79 -11.55 -0.09
N VAL A 556 6.12 -10.53 0.45
CA VAL A 556 6.77 -9.46 1.21
C VAL A 556 6.08 -9.27 2.56
N ILE A 557 6.62 -8.38 3.39
CA ILE A 557 5.85 -7.86 4.51
C ILE A 557 5.24 -6.52 4.15
N TRP A 558 4.06 -6.27 4.69
CA TRP A 558 3.37 -5.00 4.50
C TRP A 558 2.47 -4.75 5.69
N ASP A 559 2.21 -3.48 6.00
CA ASP A 559 1.23 -3.17 7.03
C ASP A 559 -0.06 -3.96 6.77
N CYS A 560 -0.63 -4.52 7.83
CA CYS A 560 -1.82 -5.35 7.69
C CYS A 560 -3.00 -4.49 7.27
N ASN A 561 -3.72 -4.96 6.24
CA ASN A 561 -4.77 -4.14 5.62
C ASN A 561 -6.08 -4.89 5.35
N GLY A 562 -6.17 -6.14 5.81
CA GLY A 562 -7.41 -6.92 5.68
C GLY A 562 -7.69 -7.52 4.31
N GLN A 563 -6.80 -7.26 3.35
CA GLN A 563 -6.97 -7.73 1.98
C GLN A 563 -6.69 -9.23 1.80
N ALA A 564 -7.27 -9.82 0.76
CA ALA A 564 -7.15 -11.25 0.48
C ALA A 564 -5.73 -11.71 0.14
N ASN A 565 -4.89 -10.78 -0.30
CA ASN A 565 -3.49 -11.10 -0.59
C ASN A 565 -2.64 -11.24 0.66
N GLN A 566 -3.23 -10.91 1.81
CA GLN A 566 -2.58 -11.12 3.11
C GLN A 566 -3.19 -12.29 3.88
N LYS A 567 -4.03 -13.07 3.22
CA LYS A 567 -4.66 -14.23 3.86
C LYS A 567 -4.07 -15.52 3.34
N TRP A 568 -3.86 -16.48 4.24
CA TRP A 568 -3.13 -17.71 3.93
C TRP A 568 -3.83 -18.93 4.52
N ASN A 569 -3.93 -19.99 3.71
CA ASN A 569 -4.43 -21.27 4.18
C ASN A 569 -3.26 -22.21 4.46
N ILE A 570 -3.25 -22.79 5.66
CA ILE A 570 -2.23 -23.74 6.05
C ILE A 570 -2.82 -25.12 5.84
N ASN A 571 -2.38 -25.79 4.77
CA ASN A 571 -3.03 -27.00 4.28
C ASN A 571 -2.43 -28.28 4.82
N SER A 572 -3.24 -29.35 4.81
CA SER A 572 -2.83 -30.65 5.35
C SER A 572 -1.66 -31.29 4.60
N ASP A 573 -1.46 -30.91 3.33
CA ASP A 573 -0.35 -31.43 2.54
C ASP A 573 0.98 -30.68 2.73
N GLY A 574 1.00 -29.77 3.69
CA GLY A 574 2.21 -29.00 4.00
C GLY A 574 2.36 -27.69 3.24
N THR A 575 1.46 -27.44 2.30
CA THR A 575 1.52 -26.21 1.53
C THR A 575 0.86 -25.06 2.30
N ILE A 576 1.26 -23.84 1.95
CA ILE A 576 0.63 -22.63 2.46
C ILE A 576 0.18 -21.85 1.24
N THR A 577 -1.13 -21.73 1.05
CA THR A 577 -1.65 -21.05 -0.13
C THR A 577 -2.16 -19.65 0.19
N ASN A 578 -1.88 -18.73 -0.73
CA ASN A 578 -2.40 -17.38 -0.66
C ASN A 578 -3.86 -17.40 -1.10
N VAL A 579 -4.75 -16.86 -0.28
CA VAL A 579 -6.19 -16.93 -0.55
C VAL A 579 -6.57 -16.23 -1.85
N ASN A 580 -5.95 -15.09 -2.12
CA ASN A 580 -6.31 -14.29 -3.27
C ASN A 580 -6.31 -15.01 -4.62
N ALA A 581 -5.24 -15.73 -4.94
CA ALA A 581 -5.23 -16.50 -6.20
C ALA A 581 -4.94 -17.99 -6.08
N GLY A 582 -4.81 -18.49 -4.85
CA GLY A 582 -4.66 -19.93 -4.63
C GLY A 582 -3.28 -20.47 -4.97
N LEU A 583 -2.29 -19.58 -5.06
CA LEU A 583 -0.93 -20.01 -5.33
C LEU A 583 -0.22 -20.35 -4.03
N CYS A 584 0.83 -21.16 -4.14
CA CYS A 584 1.60 -21.65 -3.00
C CYS A 584 2.79 -20.77 -2.64
N LEU A 585 3.04 -20.62 -1.35
CA LEU A 585 4.29 -20.05 -0.87
C LEU A 585 5.43 -21.00 -1.28
N ASP A 586 6.46 -20.43 -1.91
CA ASP A 586 7.41 -21.22 -2.69
C ASP A 586 8.82 -20.64 -2.54
N ALA A 587 9.78 -21.49 -2.20
CA ALA A 587 11.18 -21.10 -2.19
C ALA A 587 11.68 -21.18 -3.63
N TYR A 588 11.97 -20.00 -4.18
CA TYR A 588 12.17 -19.80 -5.64
C TYR A 588 13.21 -20.73 -6.25
N ASN A 589 12.78 -21.45 -7.29
CA ASN A 589 13.62 -22.40 -8.05
C ASN A 589 14.12 -23.58 -7.22
N ALA A 590 13.45 -23.82 -6.08
CA ALA A 590 13.83 -24.90 -5.16
C ALA A 590 15.26 -24.77 -4.64
N ALA A 591 15.74 -23.53 -4.58
CA ALA A 591 16.98 -23.23 -3.89
C ALA A 591 16.78 -23.42 -2.39
N THR A 592 17.85 -23.79 -1.69
CA THR A 592 17.78 -24.07 -0.26
C THR A 592 18.65 -23.14 0.59
N ALA A 593 19.46 -22.28 -0.03
CA ALA A 593 20.44 -21.49 0.72
C ALA A 593 19.83 -20.24 1.36
N ASN A 594 20.54 -19.69 2.35
CA ASN A 594 20.25 -18.36 2.85
C ASN A 594 20.06 -17.38 1.71
N GLY A 595 19.03 -16.55 1.81
CA GLY A 595 18.79 -15.52 0.80
C GLY A 595 17.88 -15.93 -0.34
N THR A 596 17.45 -17.19 -0.35
CA THR A 596 16.47 -17.67 -1.35
C THR A 596 15.15 -16.91 -1.20
N SER A 597 14.74 -16.24 -2.27
CA SER A 597 13.50 -15.46 -2.25
C SER A 597 12.26 -16.33 -2.13
N LEU A 598 11.30 -15.86 -1.36
CA LEU A 598 10.00 -16.51 -1.35
C LEU A 598 9.05 -15.82 -2.30
N VAL A 599 8.35 -16.64 -3.09
CA VAL A 599 7.42 -16.16 -4.10
C VAL A 599 6.14 -16.98 -4.05
N LEU A 600 5.15 -16.56 -4.82
CA LEU A 600 3.99 -17.41 -5.09
C LEU A 600 4.27 -18.22 -6.34
N TRP A 601 3.82 -19.47 -6.33
CA TRP A 601 3.90 -20.32 -7.51
C TRP A 601 2.77 -21.32 -7.50
N SER A 602 2.35 -21.71 -8.69
CA SER A 602 1.40 -22.78 -8.86
C SER A 602 1.77 -23.98 -8.00
N CYS A 603 0.80 -24.48 -7.24
CA CYS A 603 1.02 -25.58 -6.30
C CYS A 603 1.30 -26.91 -6.97
N GLY A 604 2.33 -27.58 -6.48
CA GLY A 604 2.68 -28.92 -6.93
C GLY A 604 3.06 -29.77 -5.73
N THR A 605 3.90 -30.78 -5.98
CA THR A 605 4.28 -31.75 -4.95
C THR A 605 5.69 -31.54 -4.41
N GLY A 606 6.37 -30.49 -4.90
CA GLY A 606 7.76 -30.22 -4.53
C GLY A 606 7.91 -29.77 -3.09
N ASP A 607 8.99 -30.20 -2.46
CA ASP A 607 9.25 -29.90 -1.06
C ASP A 607 9.66 -28.45 -0.81
N ASN A 608 9.96 -27.69 -1.88
CA ASN A 608 10.18 -26.25 -1.75
C ASN A 608 8.87 -25.47 -1.59
N GLN A 609 7.75 -26.18 -1.62
CA GLN A 609 6.43 -25.61 -1.34
C GLN A 609 5.82 -26.20 -0.07
N LYS A 610 6.61 -26.98 0.66
CA LYS A 610 6.12 -27.58 1.90
C LYS A 610 6.78 -26.93 3.10
N TRP A 611 5.98 -26.74 4.16
CA TRP A 611 6.34 -25.93 5.31
C TRP A 611 5.80 -26.56 6.58
N THR A 612 6.46 -26.24 7.71
CA THR A 612 5.88 -26.49 9.02
C THR A 612 5.63 -25.13 9.68
N VAL A 613 4.45 -24.98 10.30
CA VAL A 613 4.05 -23.73 10.95
C VAL A 613 3.46 -24.02 12.34
N THR A 614 4.25 -24.65 13.19
CA THR A 614 3.81 -24.98 14.54
C THR A 614 4.77 -24.42 15.57
N THR B 3 -26.88 18.04 -37.67
CA THR B 3 -25.52 17.43 -37.62
C THR B 3 -25.45 16.12 -38.41
N THR B 4 -24.25 15.75 -38.83
CA THR B 4 -23.99 14.55 -39.59
C THR B 4 -24.42 13.29 -38.83
N ARG B 5 -24.94 12.31 -39.56
CA ARG B 5 -25.41 11.06 -38.98
C ARG B 5 -24.24 10.24 -38.38
N GLN B 6 -24.53 9.58 -37.28
CA GLN B 6 -23.55 8.71 -36.62
C GLN B 6 -23.63 7.31 -37.19
N ILE B 7 -22.47 6.74 -37.51
CA ILE B 7 -22.38 5.36 -37.99
C ILE B 7 -22.23 4.41 -36.81
N THR B 8 -23.10 3.41 -36.74
CA THR B 8 -23.05 2.41 -35.68
C THR B 8 -21.79 1.58 -35.77
N VAL B 9 -21.14 1.38 -34.63
CA VAL B 9 -19.95 0.54 -34.55
C VAL B 9 -20.29 -0.75 -33.79
N PRO B 10 -19.49 -1.81 -33.98
CA PRO B 10 -19.80 -3.07 -33.28
C PRO B 10 -19.80 -2.94 -31.75
N SER B 11 -20.70 -3.69 -31.12
CA SER B 11 -20.81 -3.75 -29.66
C SER B 11 -19.93 -4.84 -29.09
N ALA B 12 -19.72 -4.79 -27.78
CA ALA B 12 -18.98 -5.84 -27.09
C ALA B 12 -19.79 -7.15 -27.06
N PRO B 13 -19.10 -8.31 -27.06
CA PRO B 13 -19.83 -9.58 -27.00
C PRO B 13 -20.73 -9.76 -25.77
N MET B 14 -21.83 -10.46 -25.97
CA MET B 14 -22.71 -10.88 -24.87
C MET B 14 -22.90 -12.38 -24.96
N GLY B 15 -22.91 -13.04 -23.80
CA GLY B 15 -23.05 -14.49 -23.79
C GLY B 15 -22.79 -15.05 -22.42
N TRP B 16 -22.29 -16.28 -22.39
CA TRP B 16 -21.96 -16.98 -21.16
C TRP B 16 -20.66 -17.74 -21.40
N ALA B 17 -19.84 -17.85 -20.35
CA ALA B 17 -18.60 -18.62 -20.41
C ALA B 17 -18.44 -19.57 -19.23
N SER B 18 -17.79 -20.69 -19.46
CA SER B 18 -17.77 -21.80 -18.50
C SER B 18 -16.85 -21.67 -17.30
N TRP B 19 -15.95 -20.68 -17.31
CA TRP B 19 -14.88 -20.65 -16.31
C TRP B 19 -15.30 -20.36 -14.87
N ASN B 20 -16.07 -19.29 -14.66
CA ASN B 20 -16.34 -18.81 -13.30
C ASN B 20 -17.02 -19.85 -12.42
N SER B 21 -17.90 -20.66 -13.01
CA SER B 21 -18.66 -21.63 -12.23
C SER B 21 -18.14 -23.07 -12.29
N PHE B 22 -17.33 -23.40 -13.29
CA PHE B 22 -16.90 -24.78 -13.47
C PHE B 22 -15.40 -25.02 -13.47
N ALA B 23 -14.62 -23.94 -13.58
CA ALA B 23 -13.19 -24.07 -13.82
C ALA B 23 -12.96 -25.08 -14.96
N ALA B 24 -12.03 -26.01 -14.80
CA ALA B 24 -11.69 -26.94 -15.88
C ALA B 24 -12.64 -28.13 -15.96
N LYS B 25 -13.61 -28.19 -15.04
CA LYS B 25 -14.52 -29.33 -14.94
C LYS B 25 -15.67 -29.24 -15.95
N ILE B 26 -15.30 -29.28 -17.22
CA ILE B 26 -16.24 -29.16 -18.32
C ILE B 26 -16.17 -30.36 -19.27
N ASP B 27 -17.32 -30.68 -19.87
CA ASP B 27 -17.43 -31.68 -20.93
C ASP B 27 -18.68 -31.34 -21.73
N TYR B 28 -18.97 -32.14 -22.75
CA TYR B 28 -20.16 -31.92 -23.58
C TYR B 28 -21.43 -31.75 -22.75
N SER B 29 -21.63 -32.65 -21.78
CA SER B 29 -22.84 -32.62 -20.96
C SER B 29 -23.00 -31.32 -20.16
N VAL B 30 -21.88 -30.82 -19.61
CA VAL B 30 -21.92 -29.58 -18.82
C VAL B 30 -22.34 -28.42 -19.73
N ILE B 31 -21.72 -28.33 -20.90
CA ILE B 31 -22.02 -27.24 -21.81
C ILE B 31 -23.46 -27.34 -22.34
N LYS B 32 -23.89 -28.55 -22.69
CA LYS B 32 -25.25 -28.76 -23.17
C LYS B 32 -26.29 -28.27 -22.15
N LYS B 33 -26.10 -28.64 -20.89
CA LYS B 33 -27.02 -28.22 -19.83
C LYS B 33 -27.07 -26.71 -19.67
N GLN B 34 -25.92 -26.06 -19.82
CA GLN B 34 -25.85 -24.61 -19.72
C GLN B 34 -26.54 -23.94 -20.91
N VAL B 35 -26.34 -24.49 -22.10
CA VAL B 35 -27.03 -24.00 -23.30
C VAL B 35 -28.54 -24.08 -23.11
N ASP B 36 -29.02 -25.24 -22.64
CA ASP B 36 -30.46 -25.40 -22.45
C ASP B 36 -31.04 -24.40 -21.45
N ALA B 37 -30.30 -24.14 -20.37
CA ALA B 37 -30.71 -23.18 -19.35
C ALA B 37 -30.66 -21.73 -19.84
N PHE B 38 -29.63 -21.41 -20.62
CA PHE B 38 -29.47 -20.11 -21.29
C PHE B 38 -30.72 -19.80 -22.12
N VAL B 39 -31.14 -20.78 -22.93
CA VAL B 39 -32.34 -20.64 -23.77
C VAL B 39 -33.61 -20.55 -22.93
N ALA B 40 -33.75 -21.45 -21.95
CA ALA B 40 -34.93 -21.47 -21.07
C ALA B 40 -35.08 -20.16 -20.29
N ALA B 41 -33.95 -19.52 -19.99
CA ALA B 41 -33.93 -18.26 -19.25
C ALA B 41 -34.30 -17.04 -20.08
N GLY B 42 -34.40 -17.21 -21.40
CA GLY B 42 -34.72 -16.11 -22.30
C GLY B 42 -33.57 -15.14 -22.51
N LEU B 43 -32.35 -15.59 -22.21
CA LEU B 43 -31.17 -14.78 -22.46
C LEU B 43 -30.99 -14.36 -23.94
N PRO B 44 -31.32 -15.26 -24.90
CA PRO B 44 -31.16 -14.86 -26.31
C PRO B 44 -31.93 -13.59 -26.68
N ALA B 45 -33.17 -13.46 -26.21
CA ALA B 45 -33.98 -12.29 -26.54
C ALA B 45 -33.43 -10.98 -25.97
N ALA B 46 -32.62 -11.10 -24.91
CA ALA B 46 -31.97 -9.94 -24.30
C ALA B 46 -30.70 -9.52 -25.03
N GLY B 47 -30.19 -10.40 -25.91
CA GLY B 47 -29.01 -10.09 -26.70
C GLY B 47 -27.86 -11.06 -26.48
N TYR B 48 -27.99 -11.91 -25.48
CA TYR B 48 -26.94 -12.88 -25.16
C TYR B 48 -26.82 -13.91 -26.29
N THR B 49 -25.61 -14.05 -26.81
CA THR B 49 -25.37 -14.77 -28.08
C THR B 49 -24.34 -15.90 -27.98
N TYR B 50 -23.24 -15.68 -27.27
CA TYR B 50 -22.13 -16.64 -27.24
C TYR B 50 -22.21 -17.65 -26.11
N ILE B 51 -21.91 -18.89 -26.45
CA ILE B 51 -21.64 -19.95 -25.47
C ILE B 51 -20.16 -20.26 -25.59
N ASN B 52 -19.39 -19.80 -24.61
CA ASN B 52 -17.92 -19.89 -24.68
C ASN B 52 -17.36 -20.97 -23.78
N ILE B 53 -16.76 -21.97 -24.42
CA ILE B 53 -16.09 -23.06 -23.75
C ILE B 53 -14.69 -22.58 -23.40
N ASP B 54 -14.41 -22.50 -22.10
CA ASP B 54 -13.16 -21.95 -21.59
C ASP B 54 -12.17 -23.10 -21.33
N GLU B 55 -11.24 -22.90 -20.40
CA GLU B 55 -10.21 -23.91 -20.11
C GLU B 55 -10.82 -25.24 -19.66
N GLY B 56 -10.24 -26.33 -20.17
CA GLY B 56 -10.56 -27.67 -19.69
C GLY B 56 -11.05 -28.64 -20.75
N TRP B 57 -11.27 -28.15 -21.96
CA TRP B 57 -11.78 -28.99 -23.05
C TRP B 57 -10.66 -29.78 -23.75
N TRP B 58 -9.42 -29.30 -23.62
CA TRP B 58 -8.27 -29.88 -24.35
C TRP B 58 -7.09 -30.14 -23.41
N GLN B 59 -6.59 -31.37 -23.41
CA GLN B 59 -5.49 -31.74 -22.51
C GLN B 59 -4.11 -31.68 -23.16
N GLY B 60 -4.01 -31.05 -24.34
CA GLY B 60 -2.73 -30.77 -24.96
C GLY B 60 -2.28 -31.77 -26.00
N THR B 61 -3.12 -32.75 -26.28
CA THR B 61 -2.82 -33.80 -27.26
C THR B 61 -2.97 -33.33 -28.70
N ARG B 62 -2.09 -33.81 -29.56
CA ARG B 62 -2.15 -33.59 -30.99
C ARG B 62 -1.84 -34.89 -31.73
N ASP B 63 -2.34 -35.02 -32.94
CA ASP B 63 -1.99 -36.16 -33.78
C ASP B 63 -0.64 -35.93 -34.46
N SER B 64 -0.19 -36.90 -35.26
CA SER B 64 1.11 -36.83 -35.91
C SER B 64 1.25 -35.65 -36.87
N ALA B 65 0.13 -35.14 -37.37
CA ALA B 65 0.12 -34.00 -38.29
C ALA B 65 -0.03 -32.67 -37.55
N GLY B 66 -0.10 -32.72 -36.22
CA GLY B 66 -0.22 -31.52 -35.41
C GLY B 66 -1.64 -31.04 -35.14
N ASN B 67 -2.63 -31.79 -35.62
CA ASN B 67 -4.03 -31.44 -35.34
C ASN B 67 -4.40 -31.70 -33.89
N ILE B 68 -5.07 -30.73 -33.27
CA ILE B 68 -5.59 -30.90 -31.91
C ILE B 68 -6.52 -32.11 -31.85
N THR B 69 -6.29 -32.96 -30.87
CA THR B 69 -7.17 -34.11 -30.62
C THR B 69 -7.82 -33.96 -29.26
N VAL B 70 -9.08 -34.36 -29.17
CA VAL B 70 -9.82 -34.30 -27.91
C VAL B 70 -10.22 -35.70 -27.44
N ASP B 71 -10.56 -35.79 -26.16
CA ASP B 71 -11.04 -37.02 -25.56
C ASP B 71 -12.53 -37.11 -25.84
N THR B 72 -12.93 -37.99 -26.75
CA THR B 72 -14.34 -38.08 -27.14
C THR B 72 -15.25 -38.73 -26.08
N ALA B 73 -14.66 -39.31 -25.04
CA ALA B 73 -15.46 -39.71 -23.87
C ALA B 73 -16.10 -38.47 -23.25
N GLU B 74 -15.35 -37.37 -23.22
CA GLU B 74 -15.85 -36.11 -22.68
C GLU B 74 -16.54 -35.27 -23.75
N TRP B 75 -16.09 -35.44 -24.99
CA TRP B 75 -16.60 -34.68 -26.15
C TRP B 75 -17.05 -35.63 -27.24
N PRO B 76 -18.19 -36.35 -27.01
CA PRO B 76 -18.64 -37.29 -28.03
C PRO B 76 -18.95 -36.57 -29.35
N GLY B 77 -18.47 -37.15 -30.45
CA GLY B 77 -18.62 -36.56 -31.78
C GLY B 77 -17.56 -35.51 -32.07
N GLY B 78 -16.65 -35.30 -31.13
CA GLY B 78 -15.62 -34.26 -31.26
C GLY B 78 -16.19 -32.87 -31.06
N MET B 79 -15.35 -31.85 -31.26
CA MET B 79 -15.77 -30.48 -30.97
C MET B 79 -16.86 -29.94 -31.90
N SER B 80 -16.95 -30.46 -33.12
CA SER B 80 -18.01 -30.03 -34.03
C SER B 80 -19.41 -30.43 -33.55
N ALA B 81 -19.50 -31.43 -32.67
CA ALA B 81 -20.78 -31.84 -32.13
C ALA B 81 -21.34 -30.80 -31.16
N ILE B 82 -20.46 -30.18 -30.36
CA ILE B 82 -20.94 -29.17 -29.42
C ILE B 82 -21.23 -27.84 -30.13
N THR B 83 -20.45 -27.48 -31.14
CA THR B 83 -20.79 -26.29 -31.93
C THR B 83 -22.10 -26.50 -32.68
N ALA B 84 -22.31 -27.72 -33.19
CA ALA B 84 -23.57 -28.03 -33.85
C ALA B 84 -24.75 -27.86 -32.88
N TYR B 85 -24.57 -28.32 -31.64
CA TYR B 85 -25.63 -28.17 -30.64
C TYR B 85 -25.91 -26.70 -30.33
N ILE B 86 -24.86 -25.95 -30.05
CA ILE B 86 -24.96 -24.53 -29.76
C ILE B 86 -25.67 -23.78 -30.90
N HIS B 87 -25.24 -24.04 -32.13
CA HIS B 87 -25.85 -23.41 -33.30
C HIS B 87 -27.31 -23.81 -33.47
N SER B 88 -27.62 -25.07 -33.19
CA SER B 88 -29.00 -25.58 -33.32
C SER B 88 -29.97 -24.88 -32.38
N LYS B 89 -29.44 -24.33 -31.28
CA LYS B 89 -30.23 -23.59 -30.32
C LYS B 89 -30.24 -22.08 -30.58
N GLY B 90 -29.70 -21.67 -31.72
CA GLY B 90 -29.73 -20.28 -32.17
C GLY B 90 -28.58 -19.42 -31.70
N LEU B 91 -27.52 -20.06 -31.21
CA LEU B 91 -26.42 -19.34 -30.55
C LEU B 91 -25.09 -19.49 -31.27
N LYS B 92 -24.09 -18.71 -30.83
CA LYS B 92 -22.74 -18.78 -31.38
C LYS B 92 -21.82 -19.47 -30.37
N ALA B 93 -20.75 -20.09 -30.87
CA ALA B 93 -19.89 -20.94 -30.06
C ALA B 93 -18.49 -20.37 -29.90
N GLY B 94 -17.95 -20.46 -28.68
CA GLY B 94 -16.60 -19.97 -28.40
C GLY B 94 -15.68 -21.06 -27.87
N ILE B 95 -14.40 -20.91 -28.17
CA ILE B 95 -13.39 -21.86 -27.75
C ILE B 95 -12.20 -21.12 -27.13
N TYR B 96 -11.19 -21.86 -26.70
CA TYR B 96 -10.15 -21.33 -25.82
C TYR B 96 -8.81 -22.01 -26.04
N THR B 97 -7.75 -21.21 -26.09
CA THR B 97 -6.39 -21.73 -26.20
C THR B 97 -5.40 -20.77 -25.57
N ASP B 98 -4.11 -21.03 -25.75
CA ASP B 98 -3.05 -20.17 -25.22
C ASP B 98 -2.12 -19.68 -26.31
N ALA B 99 -1.52 -18.51 -26.08
CA ALA B 99 -0.51 -17.95 -26.96
C ALA B 99 0.80 -18.75 -26.95
N GLY B 100 1.10 -19.41 -25.84
CA GLY B 100 2.35 -20.17 -25.71
C GLY B 100 2.23 -21.62 -26.11
N LYS B 101 3.28 -22.39 -25.81
CA LYS B 101 3.31 -23.82 -26.15
C LYS B 101 2.47 -24.68 -25.21
N ASP B 102 2.19 -24.16 -24.03
CA ASP B 102 1.39 -24.85 -23.02
C ASP B 102 0.47 -23.82 -22.40
N GLY B 103 -0.70 -24.27 -21.96
CA GLY B 103 -1.74 -23.36 -21.49
C GLY B 103 -1.87 -23.26 -19.99
N CYS B 104 -2.91 -22.53 -19.58
CA CYS B 104 -3.18 -22.37 -18.15
C CYS B 104 -3.53 -23.71 -17.50
N GLY B 105 -4.05 -24.65 -18.30
CA GLY B 105 -4.32 -26.00 -17.82
C GLY B 105 -3.06 -26.80 -17.51
N TYR B 106 -1.91 -26.30 -17.98
CA TYR B 106 -0.62 -26.85 -17.62
C TYR B 106 -0.02 -26.08 -16.44
N TYR B 107 0.06 -24.76 -16.58
CA TYR B 107 0.74 -23.95 -15.58
C TYR B 107 -0.02 -23.81 -14.27
N TYR B 108 -1.35 -23.76 -14.34
CA TYR B 108 -2.20 -23.57 -13.15
C TYR B 108 -3.40 -24.55 -13.14
N PRO B 109 -3.11 -25.85 -12.96
CA PRO B 109 -4.20 -26.84 -12.99
C PRO B 109 -5.27 -26.52 -11.94
N THR B 110 -6.51 -26.42 -12.41
CA THR B 110 -7.63 -25.99 -11.56
C THR B 110 -8.84 -26.87 -11.86
N GLY B 111 -8.90 -28.02 -11.21
CA GLY B 111 -10.00 -28.98 -11.38
C GLY B 111 -9.64 -30.20 -12.22
N ARG B 112 -8.44 -30.17 -12.82
CA ARG B 112 -7.90 -31.24 -13.66
C ARG B 112 -6.40 -31.37 -13.47
N PRO B 113 -5.83 -32.55 -13.79
CA PRO B 113 -4.38 -32.72 -13.83
C PRO B 113 -3.73 -31.85 -14.90
N ALA B 114 -2.44 -31.55 -14.75
CA ALA B 114 -1.70 -30.71 -15.70
C ALA B 114 -1.85 -31.21 -17.14
N ALA B 115 -2.02 -30.27 -18.06
CA ALA B 115 -2.21 -30.56 -19.48
C ALA B 115 -1.06 -30.03 -20.33
N PRO B 116 0.06 -30.77 -20.40
CA PRO B 116 1.18 -30.31 -21.22
C PRO B 116 0.80 -30.23 -22.70
N GLY B 117 1.25 -29.16 -23.37
CA GLY B 117 1.02 -28.97 -24.79
C GLY B 117 -0.24 -28.21 -25.13
N SER B 118 -0.95 -27.76 -24.10
CA SER B 118 -2.24 -27.09 -24.27
C SER B 118 -2.14 -25.61 -24.69
N GLY B 119 -1.26 -25.33 -25.65
CA GLY B 119 -1.16 -24.01 -26.24
C GLY B 119 -0.99 -24.07 -27.74
N SER B 120 -1.21 -22.93 -28.40
CA SER B 120 -1.20 -22.90 -29.87
C SER B 120 0.10 -22.40 -30.53
N GLU B 121 1.11 -22.03 -29.73
CA GLU B 121 2.38 -21.58 -30.29
C GLU B 121 2.96 -22.62 -31.25
N GLY B 122 3.39 -22.13 -32.42
CA GLY B 122 3.88 -23.00 -33.49
C GLY B 122 2.77 -23.58 -34.34
N HIS B 123 1.52 -23.32 -33.94
CA HIS B 123 0.34 -23.84 -34.62
C HIS B 123 -0.77 -22.79 -34.73
N TYR B 124 -0.43 -21.50 -34.75
CA TYR B 124 -1.48 -20.48 -34.76
C TYR B 124 -2.43 -20.62 -35.95
N ASP B 125 -1.88 -20.69 -37.16
CA ASP B 125 -2.72 -20.83 -38.35
C ASP B 125 -3.50 -22.14 -38.33
N GLN B 126 -2.81 -23.23 -38.00
CA GLN B 126 -3.41 -24.55 -37.96
C GLN B 126 -4.56 -24.61 -36.96
N ASP B 127 -4.33 -24.11 -35.75
CA ASP B 127 -5.35 -24.19 -34.70
C ASP B 127 -6.52 -23.26 -34.95
N MET B 128 -6.26 -22.01 -35.36
CA MET B 128 -7.36 -21.10 -35.67
C MET B 128 -8.23 -21.64 -36.82
N LEU B 129 -7.58 -22.20 -37.84
CA LEU B 129 -8.33 -22.85 -38.91
C LEU B 129 -9.18 -24.01 -38.38
N GLN B 130 -8.59 -24.82 -37.51
CA GLN B 130 -9.31 -25.93 -36.90
C GLN B 130 -10.52 -25.45 -36.11
N PHE B 131 -10.35 -24.39 -35.32
CA PHE B 131 -11.46 -23.87 -34.54
C PHE B 131 -12.61 -23.42 -35.46
N SER B 132 -12.26 -22.69 -36.51
CA SER B 132 -13.25 -22.18 -37.45
C SER B 132 -13.94 -23.33 -38.20
N THR B 133 -13.14 -24.31 -38.62
CA THR B 133 -13.66 -25.50 -39.32
C THR B 133 -14.64 -26.30 -38.46
N TRP B 134 -14.33 -26.43 -37.17
CA TRP B 134 -15.22 -27.07 -36.21
C TRP B 134 -16.52 -26.30 -36.03
N GLY B 135 -16.54 -25.02 -36.39
CA GLY B 135 -17.73 -24.19 -36.26
C GLY B 135 -17.68 -23.11 -35.19
N PHE B 136 -16.52 -22.91 -34.57
CA PHE B 136 -16.44 -21.88 -33.54
C PHE B 136 -16.45 -20.48 -34.12
N ASP B 137 -17.15 -19.59 -33.42
CA ASP B 137 -17.39 -18.21 -33.84
C ASP B 137 -16.54 -17.22 -33.05
N PHE B 138 -15.87 -17.73 -32.01
CA PHE B 138 -15.23 -16.92 -30.99
C PHE B 138 -14.05 -17.74 -30.45
N VAL B 139 -12.94 -17.07 -30.19
CA VAL B 139 -11.79 -17.71 -29.56
C VAL B 139 -11.14 -16.76 -28.55
N LYS B 140 -10.97 -17.27 -27.32
CA LYS B 140 -10.26 -16.57 -26.26
C LYS B 140 -8.86 -17.13 -26.18
N VAL B 141 -7.86 -16.25 -26.25
CA VAL B 141 -6.45 -16.69 -26.28
C VAL B 141 -5.71 -16.17 -25.06
N ASP B 142 -5.39 -17.11 -24.17
CA ASP B 142 -4.80 -16.82 -22.87
C ASP B 142 -3.28 -16.67 -22.97
N TRP B 143 -2.66 -16.38 -21.83
CA TRP B 143 -1.28 -15.88 -21.81
C TRP B 143 -0.37 -16.68 -20.89
N CYS B 144 -0.83 -17.81 -20.37
CA CYS B 144 0.00 -18.55 -19.41
C CYS B 144 1.34 -18.95 -20.01
N GLY B 145 1.32 -19.46 -21.23
CA GLY B 145 2.55 -19.83 -21.94
C GLY B 145 3.35 -18.62 -22.38
N GLY B 146 2.66 -17.55 -22.76
CA GLY B 146 3.33 -16.29 -23.10
C GLY B 146 4.14 -15.75 -21.93
N ASP B 147 3.50 -15.72 -20.76
CA ASP B 147 4.15 -15.24 -19.54
C ASP B 147 5.32 -16.15 -19.17
N ALA B 148 5.12 -17.46 -19.22
CA ALA B 148 6.17 -18.42 -18.84
C ALA B 148 7.40 -18.31 -19.73
N GLU B 149 7.17 -18.02 -21.01
CA GLU B 149 8.23 -18.02 -22.02
C GLU B 149 8.83 -16.62 -22.23
N GLY B 150 8.30 -15.63 -21.53
CA GLY B 150 8.79 -14.26 -21.66
C GLY B 150 8.52 -13.64 -23.02
N LEU B 151 7.38 -13.99 -23.62
CA LEU B 151 7.05 -13.46 -24.94
C LEU B 151 6.65 -11.99 -24.89
N ASP B 152 6.87 -11.29 -25.99
CA ASP B 152 6.36 -9.95 -26.16
C ASP B 152 4.89 -10.02 -26.55
N ALA B 153 4.03 -9.45 -25.72
CA ALA B 153 2.57 -9.58 -25.93
C ALA B 153 2.07 -8.91 -27.21
N ALA B 154 2.51 -7.68 -27.47
CA ALA B 154 2.05 -6.95 -28.65
C ALA B 154 2.36 -7.68 -29.96
N THR B 155 3.59 -8.17 -30.10
CA THR B 155 3.96 -8.87 -31.34
C THR B 155 3.33 -10.27 -31.40
N THR B 156 3.21 -10.93 -30.24
CA THR B 156 2.62 -12.26 -30.20
C THR B 156 1.14 -12.20 -30.56
N TYR B 157 0.41 -11.27 -29.96
CA TYR B 157 -1.01 -11.15 -30.29
C TYR B 157 -1.25 -10.60 -31.69
N LYS B 158 -0.29 -9.86 -32.25
CA LYS B 158 -0.39 -9.49 -33.68
C LYS B 158 -0.35 -10.74 -34.55
N SER B 159 0.57 -11.65 -34.28
CA SER B 159 0.67 -12.91 -35.00
C SER B 159 -0.61 -13.73 -34.85
N ILE B 160 -1.14 -13.76 -33.63
CA ILE B 160 -2.37 -14.50 -33.35
C ILE B 160 -3.55 -13.87 -34.10
N SER B 161 -3.65 -12.54 -34.04
CA SER B 161 -4.68 -11.82 -34.77
C SER B 161 -4.63 -12.10 -36.27
N ASP B 162 -3.42 -12.11 -36.83
CA ASP B 162 -3.25 -12.44 -38.25
C ASP B 162 -3.74 -13.85 -38.58
N ALA B 163 -3.42 -14.81 -37.70
CA ALA B 163 -3.87 -16.19 -37.86
C ALA B 163 -5.40 -16.32 -37.78
N VAL B 164 -6.01 -15.57 -36.87
CA VAL B 164 -7.47 -15.51 -36.75
C VAL B 164 -8.10 -15.02 -38.05
N GLY B 165 -7.55 -13.94 -38.61
CA GLY B 165 -8.02 -13.39 -39.88
C GLY B 165 -7.89 -14.39 -41.02
N ARG B 166 -6.78 -15.11 -41.06
CA ARG B 166 -6.56 -16.11 -42.10
C ARG B 166 -7.55 -17.27 -42.00
N ALA B 167 -7.85 -17.67 -40.78
CA ALA B 167 -8.81 -18.75 -40.54
C ALA B 167 -10.21 -18.37 -41.03
N ALA B 168 -10.69 -17.20 -40.63
CA ALA B 168 -12.01 -16.73 -41.05
C ALA B 168 -12.05 -16.53 -42.56
N ALA B 169 -10.95 -16.08 -43.14
CA ALA B 169 -10.87 -15.88 -44.58
C ALA B 169 -10.91 -17.20 -45.34
N THR B 170 -10.40 -18.26 -44.74
CA THR B 170 -10.45 -19.58 -45.36
C THR B 170 -11.85 -20.20 -45.32
N THR B 171 -12.51 -20.11 -44.17
CA THR B 171 -13.78 -20.83 -43.97
C THR B 171 -15.00 -20.01 -44.35
N GLY B 172 -14.88 -18.69 -44.33
CA GLY B 172 -16.04 -17.83 -44.51
C GLY B 172 -16.92 -17.72 -43.26
N ARG B 173 -16.40 -18.15 -42.10
CA ARG B 173 -17.11 -17.98 -40.83
C ARG B 173 -16.33 -16.98 -39.99
N PRO B 174 -16.99 -15.87 -39.59
CA PRO B 174 -16.32 -14.88 -38.75
C PRO B 174 -15.75 -15.51 -37.47
N LEU B 175 -14.62 -14.97 -37.03
CA LEU B 175 -13.97 -15.44 -35.80
C LEU B 175 -13.59 -14.26 -34.94
N THR B 176 -14.29 -14.11 -33.82
CA THR B 176 -14.06 -13.02 -32.88
C THR B 176 -12.95 -13.41 -31.91
N LEU B 177 -11.90 -12.60 -31.86
CA LEU B 177 -10.76 -12.83 -30.96
C LEU B 177 -10.90 -12.05 -29.66
N SER B 178 -10.83 -12.79 -28.55
CA SER B 178 -10.70 -12.20 -27.23
C SER B 178 -9.26 -12.39 -26.76
N ILE B 179 -8.56 -11.27 -26.58
CA ILE B 179 -7.19 -11.29 -26.08
C ILE B 179 -7.24 -11.37 -24.56
N CYS B 180 -6.59 -12.39 -24.00
CA CYS B 180 -6.64 -12.61 -22.55
C CYS B 180 -5.24 -12.65 -21.97
N ASN B 181 -4.69 -11.46 -21.71
CA ASN B 181 -3.33 -11.39 -21.14
C ASN B 181 -3.23 -10.55 -19.88
N TRP B 182 -4.38 -10.28 -19.27
CA TRP B 182 -4.47 -9.87 -17.86
C TRP B 182 -3.97 -8.46 -17.59
N GLY B 183 -3.86 -7.65 -18.64
CA GLY B 183 -3.32 -6.30 -18.50
C GLY B 183 -1.81 -6.23 -18.50
N TYR B 184 -1.16 -7.38 -18.67
CA TYR B 184 0.30 -7.41 -18.70
C TYR B 184 0.78 -6.71 -19.96
N GLN B 185 1.84 -5.91 -19.81
CA GLN B 185 2.39 -5.12 -20.92
C GLN B 185 1.37 -4.15 -21.55
N ASN B 186 0.42 -3.70 -20.74
CA ASN B 186 -0.49 -2.58 -21.10
C ASN B 186 -1.21 -2.76 -22.45
N PRO B 187 -2.12 -3.75 -22.54
CA PRO B 187 -2.81 -4.05 -23.80
C PRO B 187 -3.65 -2.91 -24.34
N TRP B 188 -4.04 -1.95 -23.50
CA TRP B 188 -4.71 -0.75 -23.98
C TRP B 188 -3.87 0.05 -24.98
N ASN B 189 -2.55 -0.14 -24.95
CA ASN B 189 -1.69 0.54 -25.92
C ASN B 189 -1.71 -0.04 -27.33
N TRP B 190 -2.03 -1.32 -27.47
CA TRP B 190 -1.78 -2.04 -28.72
C TRP B 190 -2.86 -3.01 -29.20
N ALA B 191 -3.82 -3.38 -28.33
CA ALA B 191 -4.77 -4.40 -28.71
C ALA B 191 -5.87 -3.94 -29.66
N ALA B 192 -6.26 -2.67 -29.59
CA ALA B 192 -7.22 -2.13 -30.55
C ALA B 192 -6.67 -2.30 -31.96
N GLY B 193 -7.48 -2.84 -32.86
CA GLY B 193 -7.02 -3.17 -34.21
C GLY B 193 -6.52 -4.60 -34.34
N GLN B 194 -6.14 -5.22 -33.23
CA GLN B 194 -5.80 -6.65 -33.23
C GLN B 194 -7.02 -7.52 -32.89
N ALA B 195 -7.88 -7.02 -32.00
CA ALA B 195 -9.00 -7.79 -31.47
C ALA B 195 -10.09 -6.86 -30.98
N PRO B 196 -11.35 -7.34 -30.98
CA PRO B 196 -12.42 -6.50 -30.45
C PRO B 196 -12.43 -6.37 -28.92
N LEU B 197 -11.69 -7.23 -28.22
CA LEU B 197 -11.64 -7.13 -26.76
C LEU B 197 -10.32 -7.64 -26.19
N TRP B 198 -9.87 -6.99 -25.12
CA TRP B 198 -8.66 -7.40 -24.41
C TRP B 198 -8.87 -7.26 -22.91
N ARG B 199 -8.44 -8.30 -22.19
CA ARG B 199 -8.46 -8.27 -20.73
C ARG B 199 -7.51 -7.22 -20.19
N THR B 200 -7.99 -6.44 -19.22
CA THR B 200 -7.24 -5.31 -18.68
C THR B 200 -6.65 -5.57 -17.28
N SER B 201 -6.99 -6.72 -16.69
CA SER B 201 -6.53 -7.06 -15.34
C SER B 201 -6.50 -8.56 -15.13
N THR B 202 -5.98 -8.96 -13.97
CA THR B 202 -6.09 -10.35 -13.53
C THR B 202 -7.55 -10.74 -13.26
N ASP B 203 -7.78 -12.01 -12.96
CA ASP B 203 -9.14 -12.56 -12.94
C ASP B 203 -10.03 -11.95 -11.87
N ILE B 204 -11.30 -11.79 -12.21
CA ILE B 204 -12.27 -11.23 -11.26
C ILE B 204 -12.53 -12.16 -10.05
N ILE B 205 -12.41 -13.46 -10.27
CA ILE B 205 -12.62 -14.44 -9.21
C ILE B 205 -11.75 -15.67 -9.46
N TYR B 206 -11.19 -16.21 -8.37
CA TYR B 206 -10.43 -17.45 -8.43
C TYR B 206 -11.22 -18.60 -7.84
N TYR B 207 -11.11 -19.77 -8.47
CA TYR B 207 -11.99 -20.91 -8.18
C TYR B 207 -11.89 -21.35 -6.72
N GLY B 208 -13.04 -21.33 -6.04
CA GLY B 208 -13.09 -21.69 -4.62
C GLY B 208 -13.36 -20.49 -3.74
N ASN B 209 -13.15 -19.29 -4.27
CA ASN B 209 -13.42 -18.06 -3.54
C ASN B 209 -14.83 -17.55 -3.76
N GLN B 210 -15.30 -16.75 -2.82
CA GLN B 210 -16.61 -16.09 -2.94
C GLN B 210 -16.45 -14.82 -3.77
N PRO B 211 -17.48 -14.49 -4.58
CA PRO B 211 -17.49 -13.22 -5.30
C PRO B 211 -17.26 -12.05 -4.36
N SER B 212 -16.43 -11.10 -4.78
CA SER B 212 -16.03 -9.98 -3.95
C SER B 212 -16.29 -8.65 -4.66
N MET B 213 -16.99 -7.74 -3.98
CA MET B 213 -17.18 -6.39 -4.49
C MET B 213 -15.85 -5.64 -4.62
N THR B 214 -14.92 -5.89 -3.70
CA THR B 214 -13.60 -5.30 -3.79
C THR B 214 -12.89 -5.73 -5.08
N SER B 215 -12.95 -7.02 -5.40
CA SER B 215 -12.34 -7.52 -6.63
C SER B 215 -13.03 -6.95 -7.87
N LEU B 216 -14.36 -6.90 -7.82
CA LEU B 216 -15.15 -6.31 -8.90
C LEU B 216 -14.72 -4.86 -9.19
N LEU B 217 -14.66 -4.05 -8.14
CA LEU B 217 -14.30 -2.64 -8.27
C LEU B 217 -12.88 -2.46 -8.77
N SER B 218 -11.98 -3.34 -8.35
CA SER B 218 -10.60 -3.30 -8.83
C SER B 218 -10.54 -3.59 -10.34
N ASN B 219 -11.26 -4.62 -10.78
CA ASN B 219 -11.33 -4.90 -12.21
C ASN B 219 -11.96 -3.76 -13.00
N PHE B 220 -13.01 -3.16 -12.44
CA PHE B 220 -13.64 -2.01 -13.07
C PHE B 220 -12.62 -0.86 -13.22
N ASP B 221 -11.95 -0.50 -12.12
CA ASP B 221 -11.01 0.61 -12.18
C ASP B 221 -9.89 0.38 -13.19
N GLN B 222 -9.39 -0.85 -13.27
CA GLN B 222 -8.29 -1.20 -14.16
C GLN B 222 -8.70 -1.27 -15.63
N THR B 223 -10.00 -1.25 -15.91
CA THR B 223 -10.48 -1.36 -17.28
C THR B 223 -10.70 0.01 -17.94
N LEU B 224 -10.62 1.07 -17.15
CA LEU B 224 -10.88 2.42 -17.64
C LEU B 224 -9.68 2.98 -18.41
N HIS B 225 -9.77 2.87 -19.72
CA HIS B 225 -8.76 3.35 -20.66
C HIS B 225 -9.53 3.88 -21.86
N PRO B 226 -10.11 5.09 -21.71
CA PRO B 226 -11.10 5.57 -22.69
C PRO B 226 -10.53 5.94 -24.05
N THR B 227 -9.23 6.20 -24.15
CA THR B 227 -8.64 6.49 -25.45
C THR B 227 -8.40 5.23 -26.27
N ALA B 228 -8.42 4.07 -25.61
CA ALA B 228 -8.14 2.80 -26.27
C ALA B 228 -9.40 2.12 -26.79
N GLN B 229 -10.54 2.46 -26.20
CA GLN B 229 -11.83 1.87 -26.58
C GLN B 229 -12.60 2.78 -27.53
N HIS B 230 -12.99 2.24 -28.67
CA HIS B 230 -13.75 2.96 -29.69
C HIS B 230 -13.94 2.03 -30.87
N THR B 231 -14.94 2.36 -31.70
CA THR B 231 -15.17 1.71 -32.99
C THR B 231 -15.08 0.19 -32.98
N GLY B 232 -15.70 -0.43 -31.97
CA GLY B 232 -15.77 -1.89 -31.87
C GLY B 232 -14.65 -2.57 -31.13
N TYR B 233 -13.73 -1.78 -30.57
CA TYR B 233 -12.61 -2.28 -29.76
C TYR B 233 -12.88 -1.94 -28.30
N TYR B 234 -12.83 -2.96 -27.43
CA TYR B 234 -13.28 -2.82 -26.03
C TYR B 234 -12.30 -3.28 -24.97
N ASN B 235 -12.19 -2.48 -23.91
CA ASN B 235 -11.57 -2.92 -22.67
C ASN B 235 -12.43 -4.00 -22.02
N ASP B 236 -11.79 -5.06 -21.49
CA ASP B 236 -12.53 -6.20 -20.93
C ASP B 236 -12.19 -6.40 -19.44
N PRO B 237 -13.10 -5.99 -18.54
CA PRO B 237 -12.88 -6.14 -17.09
C PRO B 237 -13.19 -7.54 -16.55
N ASP B 238 -13.43 -8.48 -17.46
CA ASP B 238 -13.60 -9.93 -17.19
C ASP B 238 -15.06 -10.38 -17.10
N MET B 239 -15.24 -11.70 -17.04
CA MET B 239 -16.55 -12.34 -17.04
C MET B 239 -17.38 -12.00 -15.81
N LEU B 240 -18.69 -11.90 -15.99
CA LEU B 240 -19.59 -11.49 -14.91
C LEU B 240 -19.66 -12.48 -13.76
N MET B 241 -19.74 -11.94 -12.55
CA MET B 241 -20.03 -12.73 -11.35
C MET B 241 -21.50 -12.62 -10.96
N VAL B 242 -22.28 -11.91 -11.78
CA VAL B 242 -23.70 -11.74 -11.53
C VAL B 242 -24.35 -13.09 -11.25
N GLY B 243 -25.04 -13.19 -10.12
CA GLY B 243 -25.77 -14.41 -9.80
C GLY B 243 -24.98 -15.48 -9.07
N MET B 244 -23.69 -15.25 -8.86
CA MET B 244 -22.87 -16.21 -8.12
C MET B 244 -23.16 -16.14 -6.62
N ASP B 245 -23.00 -17.26 -5.94
CA ASP B 245 -23.38 -17.34 -4.52
C ASP B 245 -22.66 -16.28 -3.70
N GLY B 246 -23.43 -15.53 -2.92
CA GLY B 246 -22.90 -14.49 -2.05
C GLY B 246 -23.34 -13.10 -2.44
N PHE B 247 -23.47 -12.85 -3.75
CA PHE B 247 -23.88 -11.53 -4.22
C PHE B 247 -25.37 -11.31 -4.05
N THR B 248 -25.74 -10.19 -3.44
CA THR B 248 -27.14 -9.82 -3.30
C THR B 248 -27.68 -9.32 -4.65
N ALA B 249 -29.01 -9.21 -4.74
CA ALA B 249 -29.63 -8.62 -5.91
C ALA B 249 -29.06 -7.21 -6.21
N ALA B 250 -28.90 -6.40 -5.16
CA ALA B 250 -28.37 -5.04 -5.33
C ALA B 250 -26.93 -5.03 -5.85
N GLN B 251 -26.12 -5.96 -5.38
CA GLN B 251 -24.74 -6.09 -5.86
C GLN B 251 -24.71 -6.56 -7.30
N ASN B 252 -25.61 -7.49 -7.65
CA ASN B 252 -25.76 -7.93 -9.04
C ASN B 252 -26.12 -6.77 -9.97
N ARG B 253 -27.05 -5.92 -9.53
CA ARG B 253 -27.43 -4.73 -10.30
C ARG B 253 -26.23 -3.79 -10.47
N THR B 254 -25.50 -3.53 -9.39
CA THR B 254 -24.31 -2.69 -9.44
C THR B 254 -23.27 -3.25 -10.42
N HIS B 255 -23.07 -4.57 -10.39
CA HIS B 255 -22.19 -5.27 -11.32
C HIS B 255 -22.58 -4.96 -12.77
N MET B 256 -23.89 -5.06 -13.06
CA MET B 256 -24.38 -4.73 -14.41
C MET B 256 -24.19 -3.27 -14.75
N ASN B 257 -24.46 -2.39 -13.79
CA ASN B 257 -24.33 -0.95 -14.01
C ASN B 257 -22.92 -0.53 -14.41
N LEU B 258 -21.93 -1.07 -13.70
CA LEU B 258 -20.54 -0.71 -13.94
C LEU B 258 -20.00 -1.29 -15.24
N TRP B 259 -20.37 -2.53 -15.54
CA TRP B 259 -19.98 -3.12 -16.82
C TRP B 259 -20.65 -2.34 -17.96
N ALA B 260 -21.92 -1.97 -17.77
CA ALA B 260 -22.65 -1.23 -18.79
C ALA B 260 -22.09 0.16 -19.03
N ILE B 261 -21.73 0.88 -17.97
CA ILE B 261 -21.16 2.21 -18.14
C ILE B 261 -19.80 2.16 -18.86
N SER B 262 -19.09 1.04 -18.72
CA SER B 262 -17.85 0.84 -19.46
C SER B 262 -18.10 0.48 -20.92
N GLY B 263 -19.25 -0.15 -21.21
CA GLY B 263 -19.47 -0.78 -22.51
C GLY B 263 -18.80 -2.14 -22.60
N ALA B 264 -18.57 -2.74 -21.44
CA ALA B 264 -17.85 -4.00 -21.33
C ALA B 264 -18.61 -5.19 -21.92
N PRO B 265 -17.88 -6.24 -22.33
CA PRO B 265 -18.57 -7.47 -22.68
C PRO B 265 -19.45 -7.92 -21.52
N LEU B 266 -20.59 -8.51 -21.84
CA LEU B 266 -21.46 -9.10 -20.81
C LEU B 266 -21.44 -10.61 -21.00
N LEU B 267 -20.41 -11.24 -20.43
CA LEU B 267 -20.25 -12.67 -20.51
C LEU B 267 -20.58 -13.26 -19.14
N ALA B 268 -21.79 -13.80 -19.03
CA ALA B 268 -22.27 -14.37 -17.77
C ALA B 268 -21.38 -15.51 -17.33
N GLY B 269 -21.22 -15.65 -16.02
CA GLY B 269 -20.34 -16.68 -15.48
C GLY B 269 -20.98 -17.54 -14.42
N ASN B 270 -22.26 -17.29 -14.12
CA ASN B 270 -22.96 -18.09 -13.12
C ASN B 270 -23.42 -19.42 -13.67
N ASP B 271 -23.90 -20.29 -12.79
CA ASP B 271 -24.45 -21.58 -13.19
C ASP B 271 -25.90 -21.36 -13.61
N LEU B 272 -26.15 -21.41 -14.92
CA LEU B 272 -27.47 -21.04 -15.45
C LEU B 272 -28.57 -22.02 -15.05
N THR B 273 -28.20 -23.27 -14.75
CA THR B 273 -29.19 -24.29 -14.40
C THR B 273 -29.83 -24.06 -13.03
N THR B 274 -29.16 -23.31 -12.16
CA THR B 274 -29.67 -23.01 -10.82
C THR B 274 -29.95 -21.52 -10.63
N MET B 275 -29.87 -20.77 -11.72
CA MET B 275 -30.15 -19.34 -11.69
C MET B 275 -31.63 -19.07 -11.39
N THR B 276 -31.88 -18.08 -10.53
CA THR B 276 -33.23 -17.65 -10.20
C THR B 276 -33.76 -16.67 -11.24
N SER B 277 -35.08 -16.53 -11.28
CA SER B 277 -35.72 -15.53 -12.11
C SER B 277 -35.32 -14.10 -11.70
N GLU B 278 -35.09 -13.88 -10.40
CA GLU B 278 -34.59 -12.57 -9.92
C GLU B 278 -33.25 -12.24 -10.61
N THR B 279 -32.33 -13.21 -10.62
CA THR B 279 -31.03 -13.03 -11.24
C THR B 279 -31.13 -12.83 -12.75
N ALA B 280 -31.94 -13.67 -13.41
CA ALA B 280 -32.15 -13.56 -14.84
C ALA B 280 -32.66 -12.17 -15.22
N GLY B 281 -33.61 -11.64 -14.45
CA GLY B 281 -34.13 -10.29 -14.65
C GLY B 281 -33.06 -9.22 -14.61
N ILE B 282 -32.09 -9.42 -13.73
CA ILE B 282 -30.98 -8.49 -13.60
C ILE B 282 -30.04 -8.57 -14.82
N LEU B 283 -29.74 -9.78 -15.28
CA LEU B 283 -28.98 -9.96 -16.52
C LEU B 283 -29.70 -9.40 -17.73
N LYS B 284 -31.04 -9.42 -17.70
CA LYS B 284 -31.83 -9.14 -18.89
C LYS B 284 -32.40 -7.71 -19.00
N ASN B 285 -32.12 -6.84 -18.04
CA ASN B 285 -32.66 -5.47 -18.08
C ASN B 285 -32.31 -4.82 -19.42
N PRO B 286 -33.31 -4.56 -20.28
CA PRO B 286 -32.98 -4.11 -21.64
C PRO B 286 -32.46 -2.68 -21.70
N GLU B 287 -32.81 -1.86 -20.71
CA GLU B 287 -32.35 -0.48 -20.66
C GLU B 287 -30.88 -0.41 -20.27
N VAL B 288 -30.48 -1.26 -19.33
CA VAL B 288 -29.06 -1.35 -18.95
C VAL B 288 -28.26 -1.97 -20.09
N ILE B 289 -28.79 -3.03 -20.70
CA ILE B 289 -28.13 -3.63 -21.85
C ILE B 289 -27.95 -2.63 -22.99
N ALA B 290 -28.96 -1.78 -23.23
CA ALA B 290 -28.87 -0.80 -24.31
C ALA B 290 -27.76 0.23 -24.08
N VAL B 291 -27.53 0.58 -22.81
CA VAL B 291 -26.39 1.44 -22.45
C VAL B 291 -25.08 0.70 -22.73
N ASP B 292 -24.99 -0.54 -22.26
CA ASP B 292 -23.79 -1.35 -22.50
C ASP B 292 -23.45 -1.47 -23.98
N GLN B 293 -24.50 -1.66 -24.79
CA GLN B 293 -24.38 -1.98 -26.20
C GLN B 293 -24.55 -0.76 -27.10
N ASP B 294 -24.42 0.43 -26.51
CA ASP B 294 -24.65 1.67 -27.23
C ASP B 294 -23.90 1.72 -28.56
N SER B 295 -24.59 2.19 -29.60
CA SER B 295 -24.09 2.14 -30.96
C SER B 295 -22.85 3.01 -31.23
N ARG B 296 -22.56 3.94 -30.31
CA ARG B 296 -21.44 4.87 -30.47
C ARG B 296 -20.12 4.27 -29.98
N GLY B 297 -20.21 3.24 -29.13
CA GLY B 297 -19.04 2.42 -28.74
C GLY B 297 -18.05 3.05 -27.78
N LEU B 298 -18.43 4.13 -27.12
CA LEU B 298 -17.51 4.86 -26.26
C LEU B 298 -17.47 4.29 -24.85
N GLN B 299 -16.37 4.53 -24.13
CA GLN B 299 -16.27 4.09 -22.75
C GLN B 299 -16.68 5.20 -21.80
N GLY B 300 -17.47 4.84 -20.79
CA GLY B 300 -17.80 5.74 -19.70
C GLY B 300 -16.56 6.11 -18.90
N VAL B 301 -16.63 7.27 -18.26
CA VAL B 301 -15.50 7.85 -17.54
C VAL B 301 -16.00 8.47 -16.23
N LYS B 302 -15.12 8.58 -15.24
CA LYS B 302 -15.47 9.29 -14.02
C LYS B 302 -15.55 10.77 -14.33
N VAL B 303 -16.67 11.39 -13.96
CA VAL B 303 -16.88 12.83 -14.21
C VAL B 303 -16.96 13.67 -12.93
N ALA B 304 -17.07 13.00 -11.77
CA ALA B 304 -17.04 13.71 -10.49
C ALA B 304 -16.73 12.80 -9.31
N GLU B 305 -16.01 13.36 -8.34
CA GLU B 305 -15.83 12.76 -7.02
C GLU B 305 -15.53 13.89 -6.03
N ASP B 306 -16.53 14.74 -5.80
CA ASP B 306 -16.40 15.89 -4.90
C ASP B 306 -16.11 15.44 -3.47
N THR B 307 -16.69 14.31 -3.09
CA THR B 307 -16.44 13.66 -1.80
C THR B 307 -15.86 12.28 -2.07
N THR B 308 -14.80 11.91 -1.35
CA THR B 308 -14.15 10.60 -1.52
C THR B 308 -15.15 9.45 -1.44
N GLY B 309 -15.14 8.61 -2.47
CA GLY B 309 -15.99 7.43 -2.48
C GLY B 309 -17.40 7.65 -3.00
N LEU B 310 -17.72 8.91 -3.30
CA LEU B 310 -19.02 9.24 -3.89
C LEU B 310 -18.78 9.72 -5.31
N GLN B 311 -19.11 8.88 -6.27
CA GLN B 311 -18.65 9.06 -7.64
C GLN B 311 -19.77 9.13 -8.66
N ALA B 312 -19.56 9.93 -9.69
CA ALA B 312 -20.42 9.93 -10.85
C ALA B 312 -19.61 9.54 -12.08
N TYR B 313 -20.10 8.53 -12.78
CA TYR B 313 -19.53 8.09 -14.04
C TYR B 313 -20.50 8.46 -15.15
N GLY B 314 -19.97 9.00 -16.24
CA GLY B 314 -20.78 9.40 -17.39
C GLY B 314 -20.34 8.70 -18.66
N LYS B 315 -21.31 8.33 -19.49
CA LYS B 315 -21.05 7.73 -20.78
C LYS B 315 -21.77 8.53 -21.87
N VAL B 316 -21.03 8.89 -22.92
CA VAL B 316 -21.63 9.60 -24.06
C VAL B 316 -22.31 8.56 -24.95
N LEU B 317 -23.63 8.71 -25.10
CA LEU B 317 -24.43 7.76 -25.88
C LEU B 317 -24.65 8.24 -27.31
N SER B 318 -25.19 7.34 -28.13
CA SER B 318 -25.56 7.67 -29.50
C SER B 318 -26.59 8.81 -29.54
N GLY B 319 -26.63 9.48 -30.67
CA GLY B 319 -27.46 10.66 -30.82
C GLY B 319 -26.83 11.89 -30.21
N THR B 320 -27.65 12.89 -29.95
CA THR B 320 -27.17 14.20 -29.53
C THR B 320 -27.75 14.56 -28.15
N GLY B 321 -26.89 14.97 -27.23
CA GLY B 321 -27.30 15.35 -25.88
C GLY B 321 -27.78 14.21 -25.00
N ASN B 322 -27.24 13.01 -25.25
CA ASN B 322 -27.65 11.81 -24.53
C ASN B 322 -26.49 11.23 -23.74
N ARG B 323 -26.77 10.90 -22.48
CA ARG B 323 -25.76 10.37 -21.55
C ARG B 323 -26.33 9.26 -20.70
N ALA B 324 -25.47 8.33 -20.31
CA ALA B 324 -25.79 7.43 -19.21
C ALA B 324 -24.91 7.81 -18.04
N VAL B 325 -25.44 7.60 -16.83
CA VAL B 325 -24.74 7.96 -15.60
C VAL B 325 -24.85 6.83 -14.58
N VAL B 326 -23.74 6.48 -13.95
CA VAL B 326 -23.79 5.65 -12.76
C VAL B 326 -23.30 6.46 -11.56
N LEU B 327 -24.15 6.56 -10.55
CA LEU B 327 -23.76 7.13 -9.27
C LEU B 327 -23.36 5.97 -8.37
N LEU B 328 -22.11 6.00 -7.89
CA LEU B 328 -21.54 4.88 -7.15
C LEU B 328 -21.06 5.31 -5.77
N ASN B 329 -21.48 4.57 -4.75
CA ASN B 329 -21.14 4.88 -3.37
C ASN B 329 -20.22 3.79 -2.81
N ARG B 330 -18.93 4.10 -2.71
CA ARG B 330 -17.93 3.16 -2.19
C ARG B 330 -17.74 3.27 -0.69
N THR B 331 -18.49 4.16 -0.05
CA THR B 331 -18.39 4.38 1.40
C THR B 331 -19.29 3.43 2.17
N SER B 332 -19.18 3.47 3.50
CA SER B 332 -19.92 2.57 4.38
C SER B 332 -21.27 3.15 4.84
N ALA B 333 -21.66 4.28 4.28
CA ALA B 333 -22.92 4.92 4.62
C ALA B 333 -23.65 5.44 3.38
N ALA B 334 -24.97 5.42 3.43
CA ALA B 334 -25.80 5.99 2.38
C ALA B 334 -25.58 7.50 2.31
N HIS B 335 -25.49 8.03 1.09
CA HIS B 335 -25.27 9.46 0.88
C HIS B 335 -25.87 9.91 -0.44
N ASP B 336 -26.20 11.21 -0.53
CA ASP B 336 -26.58 11.80 -1.80
C ASP B 336 -25.36 11.92 -2.71
N ILE B 337 -25.57 11.64 -4.00
CA ILE B 337 -24.54 11.85 -5.02
C ILE B 337 -25.14 12.67 -6.14
N THR B 338 -24.40 13.70 -6.58
CA THR B 338 -24.85 14.61 -7.61
C THR B 338 -24.04 14.46 -8.90
N VAL B 339 -24.72 14.52 -10.04
CA VAL B 339 -24.06 14.68 -11.33
C VAL B 339 -24.47 16.01 -11.96
N ARG B 340 -23.49 16.77 -12.46
CA ARG B 340 -23.73 18.07 -13.10
C ARG B 340 -23.65 17.95 -14.62
N TRP B 341 -24.56 18.63 -15.31
CA TRP B 341 -24.57 18.65 -16.78
C TRP B 341 -23.21 19.11 -17.32
N SER B 342 -22.64 20.14 -16.70
CA SER B 342 -21.35 20.69 -17.12
C SER B 342 -20.27 19.61 -17.18
N ASP B 343 -20.22 18.76 -16.17
CA ASP B 343 -19.24 17.68 -16.09
C ASP B 343 -19.43 16.63 -17.19
N LEU B 344 -20.67 16.49 -17.65
CA LEU B 344 -21.03 15.55 -18.72
C LEU B 344 -20.80 16.11 -20.12
N GLY B 345 -20.36 17.37 -20.22
CA GLY B 345 -20.14 17.99 -21.52
C GLY B 345 -21.44 18.44 -22.18
N LEU B 346 -22.44 18.71 -21.34
CA LEU B 346 -23.70 19.28 -21.78
C LEU B 346 -23.73 20.73 -21.34
N THR B 347 -24.49 21.55 -22.07
CA THR B 347 -24.73 22.91 -21.63
C THR B 347 -25.77 22.88 -20.51
N ASN B 348 -25.94 24.01 -19.83
CA ASN B 348 -27.00 24.15 -18.84
C ASN B 348 -28.37 24.36 -19.50
N ALA B 349 -28.81 23.34 -20.24
CA ALA B 349 -30.13 23.33 -20.89
C ALA B 349 -30.93 22.12 -20.41
N SER B 350 -32.25 22.20 -20.53
CA SER B 350 -33.13 21.15 -20.01
C SER B 350 -32.82 19.77 -20.57
N ALA B 351 -32.82 18.78 -19.68
CA ALA B 351 -32.67 17.37 -20.05
C ALA B 351 -33.51 16.50 -19.11
N THR B 352 -33.92 15.32 -19.59
CA THR B 352 -34.75 14.41 -18.80
C THR B 352 -33.92 13.30 -18.18
N VAL B 353 -34.15 13.05 -16.89
CA VAL B 353 -33.44 12.00 -16.13
C VAL B 353 -34.34 10.78 -15.97
N ARG B 354 -33.79 9.61 -16.27
CA ARG B 354 -34.51 8.34 -16.13
C ARG B 354 -33.69 7.35 -15.29
N ASP B 355 -34.37 6.70 -14.34
CA ASP B 355 -33.77 5.64 -13.52
C ASP B 355 -34.02 4.30 -14.20
N LEU B 356 -32.95 3.61 -14.56
CA LEU B 356 -33.06 2.44 -15.44
C LEU B 356 -33.47 1.15 -14.72
N TRP B 357 -33.41 1.16 -13.38
CA TRP B 357 -33.90 0.02 -12.59
C TRP B 357 -35.33 0.24 -12.13
N ALA B 358 -35.66 1.49 -11.81
CA ALA B 358 -37.03 1.87 -11.46
C ALA B 358 -37.93 1.92 -12.69
N ARG B 359 -37.32 2.01 -13.88
CA ARG B 359 -38.03 2.18 -15.16
C ARG B 359 -38.94 3.41 -15.11
N GLN B 360 -38.36 4.52 -14.65
CA GLN B 360 -39.15 5.70 -14.30
C GLN B 360 -38.41 6.98 -14.69
N ASN B 361 -39.12 7.89 -15.35
CA ASN B 361 -38.60 9.23 -15.56
C ASN B 361 -38.70 9.97 -14.23
N VAL B 362 -37.56 10.43 -13.71
CA VAL B 362 -37.49 10.95 -12.34
C VAL B 362 -37.29 12.46 -12.27
N GLY B 363 -37.48 13.13 -13.41
CA GLY B 363 -37.45 14.59 -13.44
C GLY B 363 -36.67 15.18 -14.59
N THR B 364 -36.73 16.51 -14.69
CA THR B 364 -35.96 17.25 -15.67
C THR B 364 -35.13 18.28 -14.92
N SER B 365 -34.02 18.69 -15.53
CA SER B 365 -33.17 19.74 -14.98
C SER B 365 -32.36 20.39 -16.08
N ALA B 366 -31.99 21.65 -15.85
CA ALA B 366 -31.06 22.35 -16.72
C ALA B 366 -29.65 22.43 -16.11
N THR B 367 -29.45 21.81 -14.94
CA THR B 367 -28.15 21.88 -14.27
C THR B 367 -27.57 20.55 -13.82
N GLY B 368 -28.41 19.68 -13.26
CA GLY B 368 -27.91 18.44 -12.68
C GLY B 368 -28.96 17.59 -11.99
N TYR B 369 -28.52 16.50 -11.36
CA TYR B 369 -29.43 15.59 -10.68
C TYR B 369 -28.75 14.96 -9.47
N THR B 370 -29.52 14.79 -8.41
CA THR B 370 -29.04 14.22 -7.16
C THR B 370 -29.94 13.06 -6.72
N ALA B 371 -29.32 11.96 -6.36
CA ALA B 371 -30.03 10.79 -5.82
C ALA B 371 -29.34 10.29 -4.57
N SER B 372 -30.13 9.70 -3.67
CA SER B 372 -29.61 8.97 -2.52
C SER B 372 -29.10 7.62 -3.00
N VAL B 373 -27.88 7.27 -2.60
CA VAL B 373 -27.27 6.00 -3.01
C VAL B 373 -26.83 5.23 -1.77
N PRO B 374 -27.28 3.97 -1.62
CA PRO B 374 -26.93 3.15 -0.45
C PRO B 374 -25.44 2.86 -0.36
N ALA B 375 -24.96 2.59 0.85
CA ALA B 375 -23.58 2.18 1.08
C ALA B 375 -23.22 0.99 0.19
N GLY B 376 -22.17 1.13 -0.60
CA GLY B 376 -21.72 0.06 -1.50
C GLY B 376 -22.59 -0.10 -2.74
N GLY B 377 -23.61 0.73 -2.85
CA GLY B 377 -24.61 0.61 -3.91
C GLY B 377 -24.41 1.57 -5.07
N SER B 378 -25.36 1.55 -6.00
CA SER B 378 -25.30 2.39 -7.18
C SER B 378 -26.68 2.69 -7.75
N VAL B 379 -26.77 3.80 -8.47
CA VAL B 379 -27.96 4.18 -9.22
C VAL B 379 -27.55 4.36 -10.68
N MET B 380 -28.36 3.82 -11.59
CA MET B 380 -28.11 3.89 -13.02
C MET B 380 -29.17 4.78 -13.69
N LEU B 381 -28.69 5.79 -14.41
CA LEU B 381 -29.54 6.81 -15.01
C LEU B 381 -29.23 7.03 -16.47
N THR B 382 -30.18 7.57 -17.20
CA THR B 382 -29.86 8.29 -18.44
C THR B 382 -30.27 9.74 -18.28
N VAL B 383 -29.53 10.60 -18.97
CA VAL B 383 -29.83 12.03 -19.09
C VAL B 383 -29.94 12.25 -20.59
N THR B 384 -31.16 12.54 -21.06
CA THR B 384 -31.41 12.57 -22.50
C THR B 384 -32.10 13.86 -22.93
N GLY B 385 -31.95 14.19 -24.21
CA GLY B 385 -32.57 15.40 -24.77
C GLY B 385 -31.89 16.68 -24.36
N GLY B 386 -30.64 16.57 -23.90
CA GLY B 386 -29.88 17.75 -23.48
C GLY B 386 -29.26 18.44 -24.68
N THR B 387 -28.47 19.47 -24.40
CA THR B 387 -27.77 20.19 -25.45
C THR B 387 -26.27 20.01 -25.28
N GLU B 388 -25.58 19.66 -26.37
CA GLU B 388 -24.14 19.45 -26.34
C GLU B 388 -23.39 20.75 -26.10
N ALA B 389 -22.31 20.66 -25.31
CA ALA B 389 -21.42 21.79 -25.08
C ALA B 389 -20.89 22.30 -26.41
N ALA B 390 -20.60 23.60 -26.47
CA ALA B 390 -20.05 24.21 -27.67
C ALA B 390 -18.82 23.44 -28.12
N GLY B 391 -18.80 23.09 -29.40
CA GLY B 391 -17.69 22.33 -29.95
C GLY B 391 -16.84 23.15 -30.87
N GLY B 392 -15.71 22.56 -31.28
CA GLY B 392 -14.87 23.12 -32.32
C GLY B 392 -15.01 22.25 -33.54
N ALA B 393 -15.27 22.89 -34.69
CA ALA B 393 -15.33 22.21 -35.97
C ALA B 393 -14.07 22.50 -36.75
N TYR B 394 -13.46 21.45 -37.32
CA TYR B 394 -12.20 21.57 -38.04
C TYR B 394 -12.29 20.97 -39.42
N ALA B 395 -11.51 21.55 -40.33
N ALA B 395 -11.84 21.73 -40.40
CA ALA B 395 -11.06 20.88 -41.56
CA ALA B 395 -12.24 21.51 -41.80
C ALA B 395 -9.55 20.62 -41.49
C ALA B 395 -11.59 20.27 -42.39
N ALA B 396 -9.09 19.57 -42.16
N ALA B 396 -12.24 19.71 -43.40
CA ALA B 396 -7.67 19.17 -42.14
CA ALA B 396 -11.67 18.58 -44.11
C ALA B 396 -6.75 20.19 -42.80
C ALA B 396 -10.21 18.85 -44.46
N THR B 397 -5.51 20.25 -42.33
N THR B 397 -9.36 17.92 -44.06
CA THR B 397 -4.54 21.19 -42.90
CA THR B 397 -7.94 18.02 -44.33
C THR B 397 -3.54 20.51 -43.83
C THR B 397 -7.64 17.36 -45.67
N SER B 398 -3.43 19.19 -43.71
N SER B 398 -6.50 17.69 -46.26
CA SER B 398 -2.68 18.39 -44.68
CA SER B 398 -6.02 16.95 -47.42
C SER B 398 -3.30 17.00 -44.71
C SER B 398 -4.70 16.27 -47.06
N THR B 399 -2.91 16.19 -45.68
N THR B 399 -4.49 16.10 -45.76
CA THR B 399 -3.51 14.87 -45.85
CA THR B 399 -3.23 15.56 -45.26
C THR B 399 -3.48 14.05 -44.57
C THR B 399 -3.39 14.51 -44.14
N GLY B 400 -4.61 14.06 -43.87
CA GLY B 400 -4.87 13.18 -42.73
C GLY B 400 -4.48 13.78 -41.39
N ARG B 401 -4.29 15.09 -41.38
CA ARG B 401 -3.77 15.77 -40.20
C ARG B 401 -4.64 16.96 -39.83
N TYR B 402 -5.14 16.96 -38.60
CA TYR B 402 -5.89 18.09 -38.07
C TYR B 402 -5.02 18.81 -37.08
N THR B 403 -4.77 20.09 -37.33
CA THR B 403 -3.89 20.89 -36.49
C THR B 403 -4.66 22.07 -35.88
N GLY B 404 -4.07 22.70 -34.87
CA GLY B 404 -4.71 23.81 -34.19
C GLY B 404 -5.90 23.41 -33.35
N VAL B 405 -5.99 22.13 -33.01
CA VAL B 405 -7.13 21.62 -32.25
C VAL B 405 -7.06 22.15 -30.82
N THR B 406 -8.18 22.71 -30.36
CA THR B 406 -8.21 23.55 -29.17
C THR B 406 -8.96 22.92 -28.00
N ALA B 407 -8.36 23.04 -26.81
CA ALA B 407 -9.00 22.64 -25.57
C ALA B 407 -8.86 23.72 -24.53
N ALA B 408 -9.95 24.03 -23.84
CA ALA B 408 -9.96 24.99 -22.75
C ALA B 408 -9.15 24.47 -21.56
N SER B 409 -9.15 23.16 -21.41
CA SER B 409 -8.43 22.48 -20.34
C SER B 409 -7.80 21.22 -20.90
N THR B 410 -6.69 20.79 -20.28
CA THR B 410 -6.17 19.45 -20.49
C THR B 410 -7.26 18.47 -20.01
N GLY B 411 -7.53 17.45 -20.81
CA GLY B 411 -8.56 16.48 -20.44
C GLY B 411 -9.13 15.72 -21.61
N LEU B 412 -10.14 14.92 -21.33
CA LEU B 412 -10.74 14.03 -22.31
C LEU B 412 -11.78 14.77 -23.16
N ASN B 413 -11.77 14.46 -24.45
CA ASN B 413 -12.68 15.05 -25.42
C ASN B 413 -13.31 13.97 -26.27
N VAL B 414 -14.52 14.23 -26.74
CA VAL B 414 -15.17 13.40 -27.74
C VAL B 414 -14.88 14.01 -29.12
N VAL B 415 -14.40 13.19 -30.05
CA VAL B 415 -14.15 13.64 -31.41
C VAL B 415 -15.03 12.84 -32.35
N ASP B 416 -15.86 13.55 -33.12
CA ASP B 416 -16.66 12.92 -34.17
C ASP B 416 -15.93 13.11 -35.48
N VAL B 417 -15.52 12.00 -36.08
CA VAL B 417 -14.73 12.02 -37.30
C VAL B 417 -15.64 11.73 -38.49
N ALA B 418 -15.82 12.73 -39.35
CA ALA B 418 -16.64 12.59 -40.54
C ALA B 418 -15.85 11.92 -41.66
N TYR B 419 -16.50 11.03 -42.40
CA TYR B 419 -15.82 10.23 -43.43
C TYR B 419 -16.83 9.54 -44.31
N THR B 420 -16.35 9.04 -45.44
CA THR B 420 -17.12 8.16 -46.30
C THR B 420 -16.32 6.87 -46.48
N ASN B 421 -17.00 5.74 -46.28
CA ASN B 421 -16.47 4.44 -46.66
C ASN B 421 -17.52 3.75 -47.50
N ASN B 422 -17.47 4.03 -48.80
CA ASN B 422 -18.43 3.50 -49.76
C ASN B 422 -17.94 2.17 -50.32
N THR B 423 -17.49 1.30 -49.42
CA THR B 423 -17.09 -0.05 -49.77
C THR B 423 -17.87 -1.04 -48.90
N SER B 424 -17.62 -2.32 -49.10
CA SER B 424 -18.37 -3.36 -48.41
C SER B 424 -17.77 -3.80 -47.08
N SER B 425 -16.57 -3.30 -46.77
CA SER B 425 -15.86 -3.70 -45.56
C SER B 425 -15.37 -2.51 -44.77
N ALA B 426 -15.29 -2.68 -43.45
CA ALA B 426 -14.69 -1.67 -42.58
C ALA B 426 -13.23 -1.44 -42.99
N ARG B 427 -12.79 -0.19 -42.88
CA ARG B 427 -11.41 0.19 -43.13
C ARG B 427 -10.81 0.76 -41.86
N THR B 428 -9.52 0.53 -41.65
CA THR B 428 -8.87 1.03 -40.44
C THR B 428 -7.83 2.10 -40.72
N ALA B 429 -7.63 2.97 -39.72
CA ALA B 429 -6.57 3.97 -39.74
C ALA B 429 -5.83 3.94 -38.42
N THR B 430 -4.58 4.36 -38.44
CA THR B 430 -3.84 4.64 -37.20
C THR B 430 -4.11 6.08 -36.84
N LEU B 431 -4.51 6.32 -35.58
CA LEU B 431 -4.70 7.67 -35.07
C LEU B 431 -3.61 7.95 -34.06
N GLN B 432 -2.96 9.11 -34.20
CA GLN B 432 -2.02 9.58 -33.18
C GLN B 432 -2.35 11.01 -32.80
N VAL B 433 -2.60 11.20 -31.50
CA VAL B 433 -2.84 12.53 -30.93
C VAL B 433 -1.52 13.06 -30.39
N ASN B 434 -1.09 14.21 -30.91
CA ASN B 434 0.22 14.76 -30.54
C ASN B 434 1.29 13.68 -30.62
N GLY B 435 2.17 13.59 -29.61
CA GLY B 435 3.17 12.54 -29.56
C GLY B 435 2.78 11.38 -28.68
N GLN B 436 1.48 11.21 -28.43
CA GLN B 436 0.99 10.11 -27.62
C GLN B 436 1.13 8.76 -28.30
N THR B 437 0.93 7.70 -27.52
CA THR B 437 0.81 6.35 -28.05
C THR B 437 -0.35 6.32 -29.06
N ALA B 438 -0.09 5.74 -30.23
CA ALA B 438 -1.08 5.66 -31.30
C ALA B 438 -2.14 4.61 -30.99
N THR B 439 -3.29 4.72 -31.66
CA THR B 439 -4.35 3.73 -31.56
C THR B 439 -4.86 3.41 -32.96
N THR B 440 -5.70 2.38 -33.07
CA THR B 440 -6.33 2.03 -34.34
C THR B 440 -7.81 2.36 -34.28
N VAL B 441 -8.30 2.96 -35.37
CA VAL B 441 -9.70 3.34 -35.49
C VAL B 441 -10.31 2.60 -36.67
N SER B 442 -11.48 2.01 -36.47
CA SER B 442 -12.20 1.32 -37.54
C SER B 442 -13.34 2.16 -38.08
N PHE B 443 -13.49 2.15 -39.40
CA PHE B 443 -14.48 2.95 -40.10
C PHE B 443 -15.45 2.04 -40.84
N PRO B 444 -16.64 1.80 -40.25
CA PRO B 444 -17.61 0.91 -40.90
C PRO B 444 -18.08 1.45 -42.24
N PRO B 445 -18.60 0.57 -43.12
CA PRO B 445 -19.22 1.03 -44.38
C PRO B 445 -20.29 2.11 -44.15
N THR B 446 -20.33 3.10 -45.05
CA THR B 446 -21.27 4.23 -44.92
C THR B 446 -22.26 4.29 -46.08
N GLY B 447 -21.92 3.62 -47.18
CA GLY B 447 -22.61 3.86 -48.44
C GLY B 447 -22.08 5.14 -49.04
N ALA B 448 -22.88 5.74 -49.91
CA ALA B 448 -22.47 6.90 -50.70
C ALA B 448 -22.24 8.16 -49.87
N SER B 449 -23.11 8.38 -48.89
CA SER B 449 -23.06 9.58 -48.05
C SER B 449 -22.15 9.43 -46.83
N ALA B 450 -21.76 10.56 -46.27
CA ALA B 450 -20.83 10.58 -45.15
C ALA B 450 -21.53 10.28 -43.83
N GLY B 451 -20.72 9.87 -42.85
CA GLY B 451 -21.20 9.68 -41.49
C GLY B 451 -20.04 9.92 -40.55
N THR B 452 -20.29 9.79 -39.25
CA THR B 452 -19.21 9.89 -38.27
C THR B 452 -19.02 8.62 -37.45
N VAL B 453 -17.79 8.38 -37.05
CA VAL B 453 -17.51 7.54 -35.88
C VAL B 453 -16.93 8.46 -34.81
N SER B 454 -17.01 8.02 -33.56
CA SER B 454 -16.51 8.82 -32.44
C SER B 454 -15.36 8.14 -31.73
N VAL B 455 -14.43 8.97 -31.27
CA VAL B 455 -13.35 8.51 -30.40
C VAL B 455 -13.23 9.43 -29.21
N GLU B 456 -12.75 8.91 -28.09
CA GLU B 456 -12.37 9.77 -26.98
C GLU B 456 -10.86 9.93 -27.02
N VAL B 457 -10.43 11.18 -26.94
CA VAL B 457 -9.00 11.51 -26.95
C VAL B 457 -8.67 12.43 -25.78
N SER B 458 -7.42 12.37 -25.34
CA SER B 458 -6.93 13.26 -24.30
C SER B 458 -6.16 14.38 -25.00
N LEU B 459 -6.51 15.62 -24.67
CA LEU B 459 -5.88 16.80 -25.27
C LEU B 459 -5.16 17.66 -24.25
N SER B 460 -4.12 18.36 -24.71
CA SER B 460 -3.45 19.36 -23.89
C SER B 460 -4.17 20.70 -23.98
N LYS B 461 -4.19 21.43 -22.88
CA LYS B 461 -4.74 22.78 -22.86
C LYS B 461 -4.09 23.62 -23.96
N GLY B 462 -4.91 24.38 -24.68
CA GLY B 462 -4.42 25.26 -25.74
C GLY B 462 -4.80 24.80 -27.13
N SER B 463 -4.12 25.37 -28.13
CA SER B 463 -4.49 25.13 -29.53
C SER B 463 -3.36 24.50 -30.34
N ALA B 464 -2.48 23.75 -29.67
CA ALA B 464 -1.37 23.10 -30.34
C ALA B 464 -1.58 21.60 -30.55
N ASN B 465 -2.82 21.13 -30.38
CA ASN B 465 -3.12 19.71 -30.54
C ASN B 465 -3.21 19.31 -32.00
N THR B 466 -2.69 18.13 -32.30
CA THR B 466 -2.73 17.55 -33.63
C THR B 466 -3.33 16.14 -33.57
N LEU B 467 -4.26 15.86 -34.47
CA LEU B 467 -4.79 14.50 -34.65
C LEU B 467 -4.38 14.04 -36.04
N ALA B 468 -3.52 13.02 -36.09
CA ALA B 468 -2.97 12.52 -37.34
C ALA B 468 -3.50 11.12 -37.61
N LEU B 469 -4.11 10.96 -38.79
CA LEU B 469 -4.61 9.66 -39.25
C LEU B 469 -3.75 9.14 -40.39
N SER B 470 -3.34 7.88 -40.29
CA SER B 470 -2.54 7.22 -41.33
C SER B 470 -3.31 6.01 -41.84
N GLY B 471 -3.50 5.96 -43.15
CA GLY B 471 -4.32 4.90 -43.76
C GLY B 471 -5.80 5.16 -43.62
N GLY B 472 -6.60 4.24 -44.17
CA GLY B 472 -8.05 4.35 -44.09
C GLY B 472 -8.67 5.39 -45.01
N PRO B 473 -9.99 5.62 -44.87
CA PRO B 473 -10.72 6.54 -45.74
C PRO B 473 -10.30 7.98 -45.53
N ALA B 474 -10.47 8.80 -46.56
CA ALA B 474 -10.32 10.24 -46.41
C ALA B 474 -11.37 10.72 -45.42
N THR B 475 -10.95 11.52 -44.44
CA THR B 475 -11.88 12.09 -43.48
C THR B 475 -12.30 13.50 -43.90
N GLU B 476 -13.52 13.89 -43.54
CA GLU B 476 -14.16 15.07 -44.09
C GLU B 476 -14.39 16.15 -43.03
N GLY B 477 -13.50 16.16 -42.03
CA GLY B 477 -13.61 17.08 -40.91
C GLY B 477 -13.80 16.38 -39.58
N ILE B 478 -13.59 17.12 -38.50
CA ILE B 478 -13.81 16.60 -37.15
C ILE B 478 -14.55 17.63 -36.30
N THR B 479 -15.32 17.15 -35.34
CA THR B 479 -15.92 18.00 -34.32
C THR B 479 -15.39 17.54 -32.97
N VAL B 480 -14.94 18.49 -32.16
CA VAL B 480 -14.31 18.20 -30.87
C VAL B 480 -15.13 18.85 -29.74
N ARG B 481 -15.53 18.04 -28.76
CA ARG B 481 -16.23 18.56 -27.59
C ARG B 481 -15.63 18.01 -26.30
N PRO B 482 -15.45 18.90 -25.29
CA PRO B 482 -14.82 18.46 -24.05
C PRO B 482 -15.78 17.69 -23.15
N LEU B 483 -15.19 16.85 -22.29
CA LEU B 483 -15.89 16.28 -21.16
C LEU B 483 -15.27 16.89 -19.90
N PRO B 484 -15.79 18.04 -19.44
CA PRO B 484 -15.11 18.80 -18.38
C PRO B 484 -14.94 18.06 -17.05
N GLY B 485 -15.79 17.07 -16.77
CA GLY B 485 -15.62 16.24 -15.58
C GLY B 485 -14.27 15.55 -15.51
N THR B 486 -13.64 15.36 -16.67
CA THR B 486 -12.36 14.67 -16.75
C THR B 486 -11.17 15.63 -16.74
N ASN B 487 -11.43 16.93 -16.60
CA ASN B 487 -10.38 17.94 -16.66
C ASN B 487 -9.22 17.68 -15.70
N GLY B 488 -8.02 17.87 -16.22
CA GLY B 488 -6.82 17.84 -15.42
C GLY B 488 -5.89 18.93 -15.90
N ALA B 489 -4.61 18.75 -15.63
CA ALA B 489 -3.59 19.70 -16.03
C ALA B 489 -2.28 18.96 -16.26
N LEU B 490 -1.52 19.41 -17.25
CA LEU B 490 -0.12 18.99 -17.36
C LEU B 490 0.64 19.58 -16.19
N VAL B 491 1.62 18.83 -15.69
CA VAL B 491 2.53 19.32 -14.67
C VAL B 491 3.87 19.44 -15.39
N THR B 492 4.20 20.68 -15.77
CA THR B 492 5.31 20.92 -16.68
C THR B 492 6.48 21.52 -15.93
N GLY B 493 7.63 20.88 -16.02
CA GLY B 493 8.85 21.33 -15.36
C GLY B 493 9.44 22.56 -16.02
N LYS B 494 9.78 23.56 -15.22
CA LYS B 494 10.35 24.80 -15.73
C LYS B 494 11.69 24.59 -16.44
N GLN B 495 12.63 23.90 -15.81
CA GLN B 495 13.95 23.68 -16.38
C GLN B 495 13.89 22.89 -17.69
N SER B 496 13.11 21.81 -17.69
CA SER B 496 13.11 20.86 -18.79
C SER B 496 12.11 21.16 -19.90
N GLY B 497 11.00 21.80 -19.54
CA GLY B 497 9.87 21.98 -20.46
C GLY B 497 9.17 20.64 -20.71
N ARG B 498 9.45 19.66 -19.86
CA ARG B 498 8.85 18.33 -19.98
C ARG B 498 7.82 18.10 -18.88
N CYS B 499 6.97 17.09 -19.07
CA CYS B 499 5.79 16.87 -18.25
C CYS B 499 5.93 15.67 -17.33
N ALA B 500 5.32 15.75 -16.16
CA ALA B 500 5.25 14.60 -15.26
C ALA B 500 4.42 13.52 -15.93
N ASP B 501 4.99 12.32 -16.01
CA ASP B 501 4.53 11.27 -16.93
C ASP B 501 4.66 9.92 -16.26
N ILE B 502 3.68 9.05 -16.44
CA ILE B 502 3.81 7.66 -16.03
C ILE B 502 4.01 6.82 -17.29
N TYR B 503 5.16 6.17 -17.36
CA TYR B 503 5.64 5.54 -18.58
C TYR B 503 4.63 4.63 -19.26
N ASN B 504 4.34 4.95 -20.52
CA ASN B 504 3.61 4.06 -21.42
C ASN B 504 2.22 3.67 -20.88
N ASN B 505 1.61 4.58 -20.15
CA ASN B 505 0.24 4.41 -19.64
C ASN B 505 0.11 3.26 -18.66
N THR B 506 1.18 3.02 -17.92
CA THR B 506 1.20 2.00 -16.88
C THR B 506 0.32 2.44 -15.72
N ILE B 507 -0.40 1.48 -15.13
CA ILE B 507 -1.26 1.78 -13.98
C ILE B 507 -0.80 1.13 -12.67
N THR B 508 0.27 0.35 -12.74
CA THR B 508 0.74 -0.45 -11.60
C THR B 508 1.15 0.42 -10.40
N ASN B 509 0.62 0.10 -9.22
CA ASN B 509 1.07 0.73 -7.99
C ASN B 509 2.58 0.70 -7.87
N GLY B 510 3.17 1.85 -7.56
CA GLY B 510 4.60 1.94 -7.33
C GLY B 510 5.42 2.38 -8.53
N THR B 511 4.76 2.58 -9.67
CA THR B 511 5.45 3.10 -10.86
C THR B 511 5.88 4.53 -10.60
N GLN B 512 7.17 4.79 -10.83
CA GLN B 512 7.75 6.11 -10.53
C GLN B 512 7.45 7.11 -11.65
N ALA B 513 7.03 8.31 -11.25
CA ALA B 513 6.83 9.41 -12.20
C ALA B 513 8.15 9.85 -12.81
N GLU B 514 8.10 10.32 -14.05
CA GLU B 514 9.26 10.74 -14.80
C GLU B 514 8.93 11.99 -15.61
N LEU B 515 9.97 12.69 -16.07
CA LEU B 515 9.79 13.70 -17.11
C LEU B 515 9.64 13.03 -18.47
N TRP B 516 8.70 13.54 -19.27
CA TRP B 516 8.59 13.12 -20.67
C TRP B 516 8.10 14.27 -21.52
N ASP B 517 8.51 14.28 -22.80
CA ASP B 517 7.93 15.19 -23.79
C ASP B 517 6.43 15.31 -23.57
N CYS B 518 5.95 16.54 -23.46
CA CYS B 518 4.54 16.80 -23.21
C CYS B 518 3.71 16.39 -24.42
N ASN B 519 2.67 15.62 -24.16
CA ASN B 519 1.81 15.14 -25.25
C ASN B 519 0.31 15.15 -24.92
N GLY B 520 -0.02 15.38 -23.65
CA GLY B 520 -1.41 15.53 -23.23
C GLY B 520 -2.17 14.23 -23.06
N GLY B 521 -1.44 13.12 -23.05
CA GLY B 521 -2.07 11.80 -22.86
C GLY B 521 -2.63 11.61 -21.46
N PRO B 522 -3.43 10.54 -21.26
CA PRO B 522 -4.01 10.32 -19.94
C PRO B 522 -2.97 10.11 -18.85
N ASN B 523 -1.79 9.62 -19.24
CA ASN B 523 -0.68 9.43 -18.29
C ASN B 523 0.08 10.72 -17.97
N GLN B 524 -0.45 11.85 -18.44
CA GLN B 524 0.12 13.17 -18.16
C GLN B 524 -0.90 14.18 -17.63
N SER B 525 -2.17 13.77 -17.53
CA SER B 525 -3.23 14.68 -17.16
C SER B 525 -3.60 14.51 -15.68
N TRP B 526 -3.09 15.42 -14.86
CA TRP B 526 -3.25 15.33 -13.41
C TRP B 526 -4.39 16.20 -12.92
N THR B 527 -5.31 15.59 -12.18
CA THR B 527 -6.44 16.33 -11.61
C THR B 527 -6.16 16.64 -10.15
N TYR B 528 -6.15 17.93 -9.83
CA TYR B 528 -5.94 18.40 -8.46
C TYR B 528 -7.27 18.49 -7.73
N THR B 529 -7.41 17.71 -6.66
CA THR B 529 -8.68 17.63 -5.93
C THR B 529 -8.72 18.56 -4.71
N SER B 530 -9.93 18.74 -4.17
CA SER B 530 -10.14 19.52 -2.94
C SER B 530 -9.44 18.89 -1.75
N ARG B 531 -9.02 17.63 -1.90
CA ARG B 531 -8.28 16.89 -0.89
C ARG B 531 -6.76 16.98 -1.11
N LYS B 532 -6.36 17.88 -2.02
CA LYS B 532 -4.96 18.12 -2.37
C LYS B 532 -4.26 16.93 -3.06
N GLU B 533 -5.04 16.03 -3.63
CA GLU B 533 -4.49 14.91 -4.38
C GLU B 533 -4.18 15.35 -5.79
N LEU B 534 -3.18 14.71 -6.41
CA LEU B 534 -2.95 14.84 -7.83
C LEU B 534 -3.25 13.49 -8.46
N VAL B 535 -4.38 13.42 -9.17
CA VAL B 535 -4.98 12.17 -9.59
C VAL B 535 -4.78 11.90 -11.08
N LEU B 536 -4.34 10.68 -11.37
CA LEU B 536 -4.12 10.21 -12.74
C LEU B 536 -5.09 9.08 -13.06
N TYR B 537 -5.61 9.10 -14.29
CA TYR B 537 -6.55 8.08 -14.78
C TYR B 537 -7.87 8.06 -14.00
N GLY B 538 -8.10 9.09 -13.19
CA GLY B 538 -9.26 9.15 -12.32
C GLY B 538 -9.17 8.32 -11.04
N ASN B 539 -8.12 7.51 -10.89
CA ASN B 539 -8.09 6.55 -9.79
C ASN B 539 -6.71 6.22 -9.22
N LYS B 540 -5.69 6.97 -9.63
CA LYS B 540 -4.34 6.81 -9.07
C LYS B 540 -3.85 8.13 -8.53
N CYS B 541 -3.16 8.09 -7.41
CA CYS B 541 -2.69 9.30 -6.73
C CYS B 541 -1.18 9.43 -6.79
N LEU B 542 -0.70 10.63 -7.09
CA LEU B 542 0.71 10.95 -6.96
C LEU B 542 1.09 10.79 -5.48
N ASP B 543 2.20 10.09 -5.22
CA ASP B 543 2.42 9.48 -3.92
C ASP B 543 3.91 9.49 -3.58
N ALA B 544 4.25 10.03 -2.39
CA ALA B 544 5.62 9.95 -1.89
C ALA B 544 5.78 8.56 -1.28
N TYR B 545 6.56 7.71 -1.95
CA TYR B 545 6.57 6.28 -1.66
C TYR B 545 6.88 5.94 -0.20
N ASN B 546 6.01 5.11 0.38
CA ASN B 546 6.13 4.66 1.77
C ASN B 546 6.24 5.79 2.79
N LEU B 547 5.61 6.91 2.47
CA LEU B 547 5.63 8.11 3.30
C LEU B 547 7.05 8.61 3.58
N GLY B 548 7.93 8.47 2.60
CA GLY B 548 9.32 8.92 2.73
C GLY B 548 9.38 10.41 3.02
N THR B 549 10.27 10.79 3.93
CA THR B 549 10.38 12.19 4.39
C THR B 549 11.72 12.83 4.08
N THR B 550 12.60 12.08 3.43
CA THR B 550 13.96 12.59 3.17
C THR B 550 14.30 12.64 1.68
N ASN B 551 15.37 13.37 1.37
CA ASN B 551 15.85 13.53 0.00
C ASN B 551 15.98 12.23 -0.78
N GLY B 552 15.39 12.21 -1.96
CA GLY B 552 15.45 11.05 -2.85
C GLY B 552 14.27 10.11 -2.77
N THR B 553 13.37 10.34 -1.81
CA THR B 553 12.10 9.59 -1.74
C THR B 553 11.48 9.56 -3.13
N LYS B 554 11.16 8.36 -3.61
CA LYS B 554 10.55 8.21 -4.93
C LYS B 554 9.12 8.73 -4.96
N VAL B 555 8.77 9.41 -6.05
CA VAL B 555 7.40 9.86 -6.25
C VAL B 555 6.77 8.94 -7.29
N VAL B 556 5.72 8.23 -6.86
CA VAL B 556 5.11 7.16 -7.64
C VAL B 556 3.61 7.40 -7.81
N ILE B 557 2.93 6.55 -8.57
CA ILE B 557 1.47 6.47 -8.47
C ILE B 557 1.07 5.32 -7.56
N TRP B 558 -0.02 5.52 -6.83
CA TRP B 558 -0.56 4.49 -5.95
C TRP B 558 -2.05 4.70 -5.84
N ASP B 559 -2.81 3.63 -5.58
CA ASP B 559 -4.23 3.78 -5.29
C ASP B 559 -4.42 4.85 -4.22
N CYS B 560 -5.43 5.71 -4.41
CA CYS B 560 -5.67 6.81 -3.49
C CYS B 560 -6.14 6.26 -2.15
N ASN B 561 -5.51 6.72 -1.07
CA ASN B 561 -5.75 6.17 0.26
C ASN B 561 -5.97 7.22 1.36
N GLY B 562 -6.03 8.49 0.97
CA GLY B 562 -6.32 9.59 1.91
C GLY B 562 -5.16 10.02 2.78
N GLN B 563 -3.99 9.41 2.60
CA GLN B 563 -2.83 9.68 3.46
C GLN B 563 -2.11 10.99 3.10
N ALA B 564 -1.34 11.50 4.05
CA ALA B 564 -0.62 12.77 3.89
C ALA B 564 0.45 12.75 2.81
N ASN B 565 0.99 11.56 2.51
CA ASN B 565 2.00 11.41 1.46
C ASN B 565 1.41 11.48 0.05
N GLN B 566 0.09 11.57 -0.03
CA GLN B 566 -0.61 11.78 -1.30
C GLN B 566 -1.22 13.18 -1.42
N LYS B 567 -0.87 14.06 -0.50
CA LYS B 567 -1.37 15.43 -0.53
C LYS B 567 -0.27 16.39 -0.92
N TRP B 568 -0.62 17.38 -1.74
CA TRP B 568 0.34 18.27 -2.36
C TRP B 568 -0.13 19.71 -2.30
N ASN B 569 0.80 20.61 -2.00
CA ASN B 569 0.55 22.05 -2.05
C ASN B 569 1.16 22.63 -3.32
N ILE B 570 0.33 23.36 -4.07
CA ILE B 570 0.79 24.05 -5.27
C ILE B 570 1.07 25.50 -4.89
N ASN B 571 2.36 25.81 -4.78
CA ASN B 571 2.82 27.06 -4.17
C ASN B 571 3.05 28.21 -5.15
N SER B 572 2.93 29.44 -4.63
CA SER B 572 3.09 30.65 -5.44
C SER B 572 4.47 30.76 -6.10
N ASP B 573 5.49 30.18 -5.46
CA ASP B 573 6.85 30.23 -6.00
C ASP B 573 7.11 29.20 -7.11
N GLY B 574 6.10 28.43 -7.48
CA GLY B 574 6.23 27.45 -8.56
C GLY B 574 6.59 26.05 -8.10
N THR B 575 6.83 25.90 -6.80
CA THR B 575 7.13 24.56 -6.26
C THR B 575 5.85 23.80 -5.98
N ILE B 576 5.99 22.48 -5.91
CA ILE B 576 4.90 21.60 -5.50
C ILE B 576 5.43 20.78 -4.34
N THR B 577 4.86 21.01 -3.16
CA THR B 577 5.36 20.36 -1.95
C THR B 577 4.48 19.23 -1.48
N ASN B 578 5.10 18.17 -1.00
CA ASN B 578 4.39 17.05 -0.38
C ASN B 578 4.04 17.44 1.06
N VAL B 579 2.77 17.28 1.41
CA VAL B 579 2.28 17.71 2.72
C VAL B 579 2.95 16.98 3.88
N ASN B 580 3.19 15.68 3.71
CA ASN B 580 3.71 14.85 4.79
C ASN B 580 4.97 15.42 5.48
N ALA B 581 5.99 15.79 4.70
CA ALA B 581 7.21 16.37 5.30
C ALA B 581 7.72 17.64 4.62
N GLY B 582 6.94 18.18 3.68
CA GLY B 582 7.24 19.50 3.11
C GLY B 582 8.34 19.56 2.09
N LEU B 583 8.74 18.41 1.56
CA LEU B 583 9.74 18.37 0.49
C LEU B 583 9.11 18.68 -0.86
N CYS B 584 9.94 19.12 -1.79
CA CYS B 584 9.52 19.54 -3.13
C CYS B 584 9.59 18.43 -4.15
N LEU B 585 8.61 18.42 -5.07
CA LEU B 585 8.68 17.59 -6.27
C LEU B 585 9.87 18.06 -7.09
N ASP B 586 10.72 17.11 -7.48
CA ASP B 586 12.08 17.41 -7.97
C ASP B 586 12.46 16.47 -9.11
N ALA B 587 12.89 17.06 -10.23
CA ALA B 587 13.47 16.29 -11.32
C ALA B 587 14.92 15.96 -10.97
N TYR B 588 15.16 14.69 -10.69
CA TYR B 588 16.39 14.22 -10.04
C TYR B 588 17.66 14.66 -10.75
N ASN B 589 18.56 15.24 -9.96
CA ASN B 589 19.86 15.75 -10.42
C ASN B 589 19.78 16.85 -11.49
N ALA B 590 18.63 17.52 -11.54
CA ALA B 590 18.37 18.58 -12.52
C ALA B 590 18.63 18.12 -13.95
N ALA B 591 18.38 16.83 -14.19
CA ALA B 591 18.39 16.28 -15.55
C ALA B 591 17.09 16.70 -16.22
N THR B 592 17.13 16.81 -17.55
CA THR B 592 16.00 17.33 -18.31
C THR B 592 15.43 16.33 -19.33
N ALA B 593 16.14 15.22 -19.54
CA ALA B 593 15.81 14.27 -20.59
C ALA B 593 14.56 13.43 -20.30
N ASN B 594 13.95 12.90 -21.35
CA ASN B 594 12.91 11.88 -21.20
C ASN B 594 13.41 10.79 -20.27
N GLY B 595 12.59 10.45 -19.27
CA GLY B 595 12.92 9.35 -18.38
C GLY B 595 13.52 9.76 -17.05
N THR B 596 13.80 11.05 -16.90
CA THR B 596 14.34 11.59 -15.65
C THR B 596 13.36 11.31 -14.53
N SER B 597 13.84 10.67 -13.46
CA SER B 597 12.99 10.29 -12.33
C SER B 597 12.56 11.49 -11.51
N LEU B 598 11.32 11.45 -11.02
CA LEU B 598 10.86 12.46 -10.08
C LEU B 598 10.95 11.93 -8.67
N VAL B 599 11.47 12.78 -7.78
CA VAL B 599 11.69 12.44 -6.38
C VAL B 599 11.24 13.61 -5.50
N LEU B 600 11.23 13.39 -4.18
CA LEU B 600 11.17 14.50 -3.23
C LEU B 600 12.56 14.97 -2.89
N TRP B 601 12.71 16.29 -2.78
CA TRP B 601 13.97 16.88 -2.33
C TRP B 601 13.69 18.16 -1.58
N SER B 602 14.57 18.46 -0.62
CA SER B 602 14.51 19.73 0.10
C SER B 602 14.34 20.89 -0.89
N CYS B 603 13.39 21.78 -0.59
CA CYS B 603 13.08 22.92 -1.46
C CYS B 603 14.18 23.97 -1.50
N GLY B 604 14.53 24.36 -2.72
CA GLY B 604 15.45 25.46 -2.97
C GLY B 604 14.89 26.33 -4.07
N THR B 605 15.79 26.99 -4.80
CA THR B 605 15.40 27.94 -5.84
C THR B 605 15.62 27.40 -7.25
N GLY B 606 16.06 26.14 -7.35
CA GLY B 606 16.38 25.51 -8.64
C GLY B 606 15.15 25.26 -9.50
N ASP B 607 15.31 25.45 -10.81
CA ASP B 607 14.20 25.33 -11.75
C ASP B 607 13.74 23.88 -11.98
N ASN B 608 14.53 22.90 -11.51
CA ASN B 608 14.11 21.48 -11.51
C ASN B 608 13.09 21.17 -10.42
N GLN B 609 12.76 22.18 -9.62
CA GLN B 609 11.72 22.08 -8.60
C GLN B 609 10.57 23.04 -8.87
N LYS B 610 10.59 23.68 -10.03
CA LYS B 610 9.54 24.61 -10.41
C LYS B 610 8.67 23.99 -11.51
N TRP B 611 7.37 24.23 -11.41
CA TRP B 611 6.37 23.56 -12.25
C TRP B 611 5.21 24.49 -12.59
N THR B 612 4.48 24.17 -13.65
CA THR B 612 3.20 24.80 -13.97
C THR B 612 2.12 23.73 -13.91
N VAL B 613 1.00 24.03 -13.24
CA VAL B 613 -0.09 23.05 -13.04
C VAL B 613 -1.47 23.67 -13.35
N THR B 614 -1.62 24.16 -14.56
CA THR B 614 -2.86 24.81 -14.99
C THR B 614 -3.44 24.14 -16.24
#